data_1W3B
#
_entry.id   1W3B
#
_cell.length_a   64.320
_cell.length_b   75.510
_cell.length_c   77.670
_cell.angle_alpha   105.08
_cell.angle_beta   105.14
_cell.angle_gamma   110.28
#
_symmetry.space_group_name_H-M   'P 1'
#
loop_
_entity.id
_entity.type
_entity.pdbx_description
1 polymer 'UDP-N-ACETYLGLUCOSAMINE--PEPTIDE N-ACETYLGLUCOSAMINYLTRANSFERASE 110'
2 non-polymer 'CALCIUM ION'
3 water water
#
_entity_poly.entity_id   1
_entity_poly.type   'polypeptide(L)'
_entity_poly.pdbx_seq_one_letter_code
;GPMELAHREYQAGDFEAAERHCMQLWRQEPDNTGVLLLLSSIHFQCRRLDRSAHFSTLAIKQNPLLAEAYSNLGNVYKER
GQLQEAIEHYRHALRLKPDFIDGYINLAAALVAAGDMEGAVQAYVSALQYNPDLYCVRSDLGNLLKALGRLEEAKACYLK
AIETQPNFAVAWSNLGCVFNAQGEIWLAIHHFEKAVTLDPNFLDAYINLGNVLKEARIFDRAVAAYLRALSLSPNHAVVH
GNLACVYYEQGLIDLAIDTYRRAIELQPHFPDAYCNLANALKEKGSVAEAEDCYNTALRLCPTHADSLNNLANIKREQGN
IEEAVRLYRKALEVFPEFAAAHSNLASVLQQQGKLQEALMHYKEAIRISPTFADAYSNMGNTLKEMQD
;
_entity_poly.pdbx_strand_id   A,B
#
loop_
_chem_comp.id
_chem_comp.type
_chem_comp.name
_chem_comp.formula
CA non-polymer 'CALCIUM ION' 'Ca 2'
#
# COMPACT_ATOMS: atom_id res chain seq x y z
N GLY A 1 49.07 -9.58 -34.54
CA GLY A 1 49.61 -10.92 -34.90
C GLY A 1 49.86 -11.90 -33.75
N PRO A 2 49.02 -11.93 -32.69
CA PRO A 2 49.23 -12.86 -31.57
C PRO A 2 48.46 -14.17 -31.77
N MET A 3 48.57 -15.07 -30.81
CA MET A 3 47.87 -16.37 -30.87
C MET A 3 46.81 -16.41 -29.76
N GLU A 4 45.60 -15.95 -30.09
CA GLU A 4 44.50 -15.85 -29.12
C GLU A 4 43.51 -17.03 -29.05
N LEU A 5 43.84 -18.16 -29.67
CA LEU A 5 42.93 -19.30 -29.63
C LEU A 5 42.85 -19.75 -28.17
N ALA A 6 43.75 -19.23 -27.36
CA ALA A 6 43.84 -19.55 -25.94
C ALA A 6 42.76 -18.88 -25.12
N HIS A 7 42.40 -17.65 -25.44
CA HIS A 7 41.36 -16.97 -24.67
C HIS A 7 39.97 -17.51 -24.98
N ARG A 8 39.77 -17.98 -26.20
CA ARG A 8 38.48 -18.52 -26.59
C ARG A 8 38.09 -19.60 -25.60
N GLU A 9 38.90 -20.65 -25.59
CA GLU A 9 38.69 -21.79 -24.71
C GLU A 9 38.64 -21.36 -23.25
N TYR A 10 39.47 -20.38 -22.90
CA TYR A 10 39.51 -19.87 -21.54
C TYR A 10 38.13 -19.40 -21.12
N GLN A 11 37.50 -18.58 -21.96
CA GLN A 11 36.18 -18.04 -21.66
C GLN A 11 35.11 -19.10 -21.39
N ALA A 12 35.26 -20.28 -21.99
CA ALA A 12 34.29 -21.35 -21.81
C ALA A 12 34.23 -21.85 -20.37
N GLY A 13 35.32 -21.68 -19.63
CA GLY A 13 35.37 -22.14 -18.26
C GLY A 13 36.33 -23.31 -18.22
N ASP A 14 37.12 -23.42 -19.29
CA ASP A 14 38.11 -24.47 -19.44
C ASP A 14 39.50 -23.98 -19.00
N PHE A 15 39.60 -23.56 -17.73
CA PHE A 15 40.84 -23.07 -17.14
C PHE A 15 42.11 -23.76 -17.63
N GLU A 16 42.29 -25.03 -17.27
CA GLU A 16 43.45 -25.80 -17.70
C GLU A 16 43.75 -25.63 -19.19
N ALA A 17 42.74 -25.84 -20.04
CA ALA A 17 42.92 -25.68 -21.48
C ALA A 17 43.63 -24.34 -21.68
N ALA A 18 42.97 -23.28 -21.23
CA ALA A 18 43.54 -21.94 -21.32
C ALA A 18 44.93 -21.97 -20.70
N GLU A 19 44.99 -22.39 -19.44
CA GLU A 19 46.25 -22.47 -18.73
C GLU A 19 47.34 -23.13 -19.56
N ARG A 20 46.97 -24.16 -20.31
CA ARG A 20 47.92 -24.87 -21.16
C ARG A 20 48.34 -23.96 -22.31
N HIS A 21 47.37 -23.53 -23.11
CA HIS A 21 47.65 -22.64 -24.24
C HIS A 21 48.48 -21.49 -23.71
N CYS A 22 47.96 -20.83 -22.68
CA CYS A 22 48.63 -19.71 -22.06
C CYS A 22 50.09 -20.05 -21.77
N MET A 23 50.30 -21.00 -20.87
CA MET A 23 51.64 -21.41 -20.49
C MET A 23 52.58 -21.37 -21.67
N GLN A 24 52.17 -21.99 -22.77
CA GLN A 24 52.99 -21.99 -23.97
C GLN A 24 53.05 -20.60 -24.59
N LEU A 25 51.94 -19.87 -24.54
CA LEU A 25 51.90 -18.53 -25.12
C LEU A 25 52.96 -17.65 -24.48
N TRP A 26 53.10 -17.76 -23.17
CA TRP A 26 54.10 -16.97 -22.44
C TRP A 26 55.47 -17.53 -22.74
N ARG A 27 55.54 -18.85 -22.89
CA ARG A 27 56.81 -19.53 -23.17
C ARG A 27 57.49 -18.94 -24.41
N GLN A 28 56.68 -18.55 -25.39
CA GLN A 28 57.20 -17.94 -26.61
C GLN A 28 57.22 -16.43 -26.40
N GLU A 29 56.13 -15.90 -25.86
CA GLU A 29 56.01 -14.47 -25.60
C GLU A 29 55.85 -14.20 -24.10
N PRO A 30 56.97 -14.11 -23.37
CA PRO A 30 56.99 -13.87 -21.92
C PRO A 30 56.53 -12.48 -21.45
N ASP A 31 55.56 -11.91 -22.18
CA ASP A 31 55.03 -10.59 -21.86
C ASP A 31 53.53 -10.59 -22.14
N ASN A 32 52.90 -11.73 -21.88
CA ASN A 32 51.47 -11.90 -22.11
C ASN A 32 50.65 -11.37 -20.94
N THR A 33 50.63 -10.05 -20.77
CA THR A 33 49.87 -9.44 -19.70
C THR A 33 48.48 -10.06 -19.72
N GLY A 34 47.95 -10.26 -20.92
CA GLY A 34 46.62 -10.84 -21.07
C GLY A 34 46.51 -12.27 -20.56
N VAL A 35 47.62 -13.00 -20.63
CA VAL A 35 47.67 -14.39 -20.20
C VAL A 35 47.83 -14.46 -18.68
N LEU A 36 48.73 -13.63 -18.16
CA LEU A 36 48.97 -13.59 -16.73
C LEU A 36 47.71 -13.15 -15.98
N LEU A 37 47.07 -12.10 -16.48
CA LEU A 37 45.84 -11.58 -15.88
C LEU A 37 44.76 -12.66 -15.92
N LEU A 38 44.61 -13.29 -17.08
CA LEU A 38 43.62 -14.34 -17.23
C LEU A 38 43.98 -15.45 -16.24
N LEU A 39 45.25 -15.82 -16.21
CA LEU A 39 45.71 -16.85 -15.30
C LEU A 39 45.30 -16.55 -13.86
N SER A 40 45.63 -15.35 -13.38
CA SER A 40 45.30 -14.99 -12.02
C SER A 40 43.81 -15.03 -11.73
N SER A 41 43.00 -14.59 -12.68
CA SER A 41 41.55 -14.60 -12.49
C SER A 41 41.08 -16.03 -12.26
N ILE A 42 41.61 -16.94 -13.07
CA ILE A 42 41.27 -18.36 -12.98
C ILE A 42 41.48 -18.88 -11.57
N HIS A 43 42.75 -18.97 -11.18
CA HIS A 43 43.15 -19.45 -9.87
C HIS A 43 42.26 -18.87 -8.79
N PHE A 44 42.10 -17.54 -8.79
CA PHE A 44 41.26 -16.91 -7.77
C PHE A 44 39.88 -17.52 -7.79
N GLN A 45 39.29 -17.65 -8.98
CA GLN A 45 37.97 -18.24 -9.09
C GLN A 45 37.95 -19.60 -8.41
N CYS A 46 38.98 -20.40 -8.63
CA CYS A 46 39.05 -21.73 -8.03
C CYS A 46 39.83 -21.81 -6.70
N ARG A 47 39.76 -20.74 -5.91
CA ARG A 47 40.42 -20.64 -4.61
C ARG A 47 41.92 -20.95 -4.56
N ARG A 48 42.71 -20.28 -5.40
CA ARG A 48 44.16 -20.47 -5.41
C ARG A 48 44.81 -19.14 -5.04
N LEU A 49 44.30 -18.53 -3.97
CA LEU A 49 44.78 -17.25 -3.51
C LEU A 49 46.29 -16.99 -3.76
N ASP A 50 47.13 -17.96 -3.44
CA ASP A 50 48.58 -17.80 -3.63
C ASP A 50 49.02 -17.76 -5.09
N ARG A 51 48.59 -18.74 -5.89
CA ARG A 51 48.98 -18.74 -7.30
C ARG A 51 48.35 -17.52 -7.97
N SER A 52 47.06 -17.33 -7.70
CA SER A 52 46.28 -16.23 -8.24
C SER A 52 47.08 -14.93 -8.14
N ALA A 53 47.33 -14.49 -6.93
CA ALA A 53 48.08 -13.26 -6.68
C ALA A 53 49.49 -13.27 -7.25
N HIS A 54 49.99 -14.44 -7.66
CA HIS A 54 51.34 -14.52 -8.21
C HIS A 54 51.43 -14.08 -9.66
N PHE A 55 50.56 -14.63 -10.52
CA PHE A 55 50.55 -14.26 -11.92
C PHE A 55 50.24 -12.77 -11.99
N SER A 56 49.27 -12.33 -11.19
CA SER A 56 48.88 -10.93 -11.14
C SER A 56 50.06 -10.01 -10.86
N THR A 57 50.94 -10.43 -9.96
CA THR A 57 52.12 -9.67 -9.60
C THR A 57 52.98 -9.50 -10.85
N LEU A 58 53.04 -10.56 -11.64
CA LEU A 58 53.79 -10.59 -12.88
C LEU A 58 53.19 -9.63 -13.90
N ALA A 59 51.91 -9.77 -14.17
CA ALA A 59 51.22 -8.91 -15.12
C ALA A 59 51.43 -7.45 -14.76
N ILE A 60 51.84 -7.20 -13.52
CA ILE A 60 52.08 -5.83 -13.06
C ILE A 60 53.53 -5.45 -13.31
N LYS A 61 54.43 -6.42 -13.11
CA LYS A 61 55.86 -6.19 -13.35
C LYS A 61 56.02 -5.80 -14.83
N GLN A 62 55.24 -6.44 -15.69
CA GLN A 62 55.25 -6.16 -17.13
C GLN A 62 54.58 -4.82 -17.40
N ASN A 63 53.25 -4.82 -17.38
CA ASN A 63 52.47 -3.62 -17.61
C ASN A 63 51.94 -3.15 -16.27
N PRO A 64 52.51 -2.07 -15.72
CA PRO A 64 52.14 -1.48 -14.43
C PRO A 64 50.86 -0.65 -14.44
N LEU A 65 50.34 -0.37 -15.62
CA LEU A 65 49.14 0.45 -15.72
C LEU A 65 47.89 -0.41 -15.83
N LEU A 66 48.05 -1.70 -15.55
CA LEU A 66 46.92 -2.63 -15.60
C LEU A 66 46.05 -2.57 -14.34
N ALA A 67 44.93 -1.85 -14.43
CA ALA A 67 44.01 -1.70 -13.31
C ALA A 67 43.59 -3.08 -12.84
N GLU A 68 42.97 -3.83 -13.74
CA GLU A 68 42.50 -5.19 -13.47
C GLU A 68 43.56 -6.02 -12.76
N ALA A 69 44.83 -5.67 -12.94
CA ALA A 69 45.94 -6.39 -12.33
C ALA A 69 46.03 -6.15 -10.83
N TYR A 70 45.83 -4.91 -10.41
CA TYR A 70 45.88 -4.58 -9.00
C TYR A 70 44.60 -5.02 -8.29
N SER A 71 43.49 -4.92 -9.01
CA SER A 71 42.20 -5.32 -8.46
C SER A 71 42.24 -6.79 -8.09
N ASN A 72 42.67 -7.64 -9.02
CA ASN A 72 42.76 -9.08 -8.75
C ASN A 72 43.65 -9.35 -7.55
N LEU A 73 44.75 -8.61 -7.49
CA LEU A 73 45.71 -8.75 -6.41
C LEU A 73 45.06 -8.36 -5.07
N GLY A 74 44.28 -7.29 -5.11
CA GLY A 74 43.61 -6.81 -3.91
C GLY A 74 42.54 -7.77 -3.43
N ASN A 75 41.82 -8.36 -4.37
CA ASN A 75 40.78 -9.33 -4.04
C ASN A 75 41.34 -10.40 -3.14
N VAL A 76 42.56 -10.84 -3.43
CA VAL A 76 43.19 -11.86 -2.62
C VAL A 76 43.51 -11.33 -1.23
N TYR A 77 43.92 -10.07 -1.15
CA TYR A 77 44.24 -9.49 0.14
C TYR A 77 42.99 -9.45 1.01
N LYS A 78 41.86 -9.03 0.43
CA LYS A 78 40.60 -8.95 1.16
C LYS A 78 40.22 -10.33 1.68
N GLU A 79 40.20 -11.30 0.78
CA GLU A 79 39.88 -12.67 1.15
C GLU A 79 40.71 -13.12 2.33
N ARG A 80 41.99 -12.75 2.36
CA ARG A 80 42.87 -13.12 3.45
C ARG A 80 42.43 -12.40 4.72
N GLY A 81 41.72 -11.29 4.57
CA GLY A 81 41.26 -10.54 5.73
C GLY A 81 41.98 -9.22 5.90
N GLN A 82 42.98 -9.00 5.05
CA GLN A 82 43.80 -7.80 5.07
C GLN A 82 43.14 -6.70 4.23
N LEU A 83 42.28 -5.91 4.87
CA LEU A 83 41.55 -4.85 4.19
C LEU A 83 42.37 -3.64 3.77
N GLN A 84 43.38 -3.27 4.55
CA GLN A 84 44.22 -2.13 4.20
C GLN A 84 44.96 -2.43 2.90
N GLU A 85 45.54 -3.63 2.83
CA GLU A 85 46.26 -4.06 1.64
C GLU A 85 45.33 -3.98 0.44
N ALA A 86 44.18 -4.64 0.56
CA ALA A 86 43.20 -4.67 -0.51
C ALA A 86 42.59 -3.31 -0.89
N ILE A 87 42.42 -2.43 0.09
CA ILE A 87 41.83 -1.13 -0.22
C ILE A 87 42.71 -0.23 -1.10
N GLU A 88 44.01 -0.18 -0.81
CA GLU A 88 44.89 0.66 -1.62
C GLU A 88 45.07 0.10 -3.04
N HIS A 89 45.00 -1.21 -3.18
CA HIS A 89 45.11 -1.84 -4.50
C HIS A 89 43.87 -1.47 -5.32
N TYR A 90 42.73 -1.40 -4.66
CA TYR A 90 41.48 -1.05 -5.33
C TYR A 90 41.49 0.44 -5.69
N ARG A 91 42.09 1.24 -4.82
CA ARG A 91 42.15 2.67 -5.04
C ARG A 91 43.09 2.99 -6.20
N HIS A 92 44.26 2.38 -6.16
CA HIS A 92 45.25 2.57 -7.22
C HIS A 92 44.62 2.15 -8.54
N ALA A 93 44.10 0.93 -8.57
CA ALA A 93 43.45 0.42 -9.75
C ALA A 93 42.42 1.42 -10.27
N LEU A 94 41.97 2.32 -9.40
CA LEU A 94 40.96 3.27 -9.80
C LEU A 94 41.57 4.56 -10.29
N ARG A 95 42.69 4.95 -9.67
CA ARG A 95 43.45 6.14 -10.06
C ARG A 95 43.82 5.86 -11.53
N LEU A 96 44.45 4.70 -11.74
CA LEU A 96 44.82 4.28 -13.07
C LEU A 96 43.59 4.31 -13.94
N LYS A 97 42.59 3.53 -13.57
CA LYS A 97 41.38 3.42 -14.38
C LYS A 97 40.10 3.85 -13.66
N PRO A 98 39.68 5.10 -13.88
CA PRO A 98 38.47 5.66 -13.28
C PRO A 98 37.14 4.97 -13.67
N ASP A 99 37.03 4.50 -14.89
CA ASP A 99 35.79 3.84 -15.34
C ASP A 99 35.77 2.38 -14.92
N PHE A 100 36.71 1.96 -14.07
CA PHE A 100 36.79 0.57 -13.62
C PHE A 100 35.69 0.15 -12.62
N ILE A 101 34.51 -0.22 -13.13
CA ILE A 101 33.39 -0.60 -12.25
C ILE A 101 33.64 -1.69 -11.20
N ASP A 102 34.07 -2.89 -11.61
CA ASP A 102 34.34 -3.93 -10.63
C ASP A 102 35.31 -3.34 -9.63
N GLY A 103 36.00 -2.28 -10.03
CA GLY A 103 36.95 -1.64 -9.14
C GLY A 103 36.26 -0.94 -7.99
N TYR A 104 35.21 -0.19 -8.31
CA TYR A 104 34.43 0.53 -7.31
C TYR A 104 33.72 -0.48 -6.39
N ILE A 105 32.97 -1.38 -7.00
CA ILE A 105 32.27 -2.42 -6.28
C ILE A 105 33.21 -3.09 -5.27
N ASN A 106 34.20 -3.83 -5.76
CA ASN A 106 35.14 -4.50 -4.86
C ASN A 106 35.62 -3.53 -3.79
N LEU A 107 35.65 -2.25 -4.10
CA LEU A 107 36.11 -1.29 -3.12
C LEU A 107 35.09 -1.26 -2.01
N ALA A 108 33.84 -1.01 -2.41
CA ALA A 108 32.68 -0.95 -1.51
C ALA A 108 32.68 -2.10 -0.51
N ALA A 109 32.69 -3.35 -0.98
CA ALA A 109 32.74 -4.47 -0.06
C ALA A 109 33.84 -4.17 0.96
N ALA A 110 35.09 -4.33 0.57
CA ALA A 110 36.20 -4.08 1.47
C ALA A 110 36.00 -2.88 2.40
N LEU A 111 35.55 -1.75 1.86
CA LEU A 111 35.34 -0.58 2.71
C LEU A 111 34.32 -0.88 3.80
N VAL A 112 33.13 -1.29 3.38
CA VAL A 112 32.10 -1.65 4.33
C VAL A 112 32.75 -2.63 5.31
N ALA A 113 33.17 -3.78 4.79
CA ALA A 113 33.81 -4.82 5.59
C ALA A 113 34.86 -4.30 6.56
N ALA A 114 35.37 -3.11 6.29
CA ALA A 114 36.38 -2.52 7.16
C ALA A 114 35.70 -1.62 8.18
N GLY A 115 35.09 -0.55 7.70
CA GLY A 115 34.42 0.37 8.59
C GLY A 115 33.80 1.53 7.85
N ASP A 116 34.60 2.24 7.07
CA ASP A 116 34.12 3.38 6.32
C ASP A 116 32.89 2.93 5.57
N MET A 117 31.80 3.63 5.82
CA MET A 117 30.52 3.31 5.20
C MET A 117 30.13 4.35 4.17
N GLU A 118 30.48 5.60 4.45
CA GLU A 118 30.17 6.67 3.53
C GLU A 118 31.17 6.58 2.40
N GLY A 119 32.30 5.96 2.67
CA GLY A 119 33.30 5.78 1.64
C GLY A 119 32.75 4.73 0.70
N ALA A 120 32.37 3.59 1.25
CA ALA A 120 31.81 2.51 0.44
C ALA A 120 30.53 2.98 -0.21
N VAL A 121 29.99 4.10 0.25
CA VAL A 121 28.76 4.63 -0.32
C VAL A 121 29.11 5.36 -1.59
N GLN A 122 30.23 6.09 -1.54
CA GLN A 122 30.72 6.84 -2.69
C GLN A 122 31.05 5.84 -3.81
N ALA A 123 31.91 4.88 -3.50
CA ALA A 123 32.28 3.84 -4.46
C ALA A 123 31.03 3.37 -5.18
N TYR A 124 29.99 3.03 -4.43
CA TYR A 124 28.75 2.59 -5.05
C TYR A 124 28.14 3.67 -5.92
N VAL A 125 28.22 4.92 -5.47
CA VAL A 125 27.61 6.02 -6.22
C VAL A 125 28.31 6.25 -7.56
N SER A 126 29.63 6.37 -7.53
CA SER A 126 30.40 6.58 -8.75
C SER A 126 30.17 5.37 -9.66
N ALA A 127 30.40 4.17 -9.13
CA ALA A 127 30.18 2.97 -9.91
C ALA A 127 28.84 2.99 -10.61
N LEU A 128 27.96 3.88 -10.16
CA LEU A 128 26.63 3.94 -10.73
C LEU A 128 26.52 5.09 -11.71
N GLN A 129 27.47 6.03 -11.59
CA GLN A 129 27.53 7.17 -12.48
C GLN A 129 28.07 6.63 -13.82
N TYR A 130 28.91 5.60 -13.77
CA TYR A 130 29.46 5.00 -14.99
C TYR A 130 28.50 4.00 -15.65
N ASN A 131 27.68 3.33 -14.84
CA ASN A 131 26.69 2.40 -15.39
C ASN A 131 25.42 2.35 -14.55
N PRO A 132 24.54 3.33 -14.74
CA PRO A 132 23.26 3.46 -14.02
C PRO A 132 22.34 2.24 -14.10
N ASP A 133 22.62 1.30 -15.00
CA ASP A 133 21.76 0.13 -15.14
C ASP A 133 22.21 -1.10 -14.40
N LEU A 134 23.13 -0.93 -13.45
CA LEU A 134 23.59 -2.05 -12.63
C LEU A 134 22.70 -2.06 -11.38
N TYR A 135 21.47 -2.57 -11.50
CA TYR A 135 20.50 -2.59 -10.38
C TYR A 135 20.89 -3.36 -9.13
N CYS A 136 21.37 -4.59 -9.28
CA CYS A 136 21.80 -5.34 -8.09
C CYS A 136 22.80 -4.54 -7.32
N VAL A 137 23.39 -3.54 -7.96
CA VAL A 137 24.40 -2.73 -7.30
C VAL A 137 23.71 -1.54 -6.66
N ARG A 138 22.49 -1.28 -7.11
CA ARG A 138 21.67 -0.19 -6.59
C ARG A 138 21.18 -0.59 -5.19
N SER A 139 20.58 -1.78 -5.12
CA SER A 139 20.06 -2.34 -3.88
C SER A 139 21.15 -2.23 -2.84
N ASP A 140 22.20 -3.04 -2.99
CA ASP A 140 23.34 -3.01 -2.08
C ASP A 140 23.65 -1.61 -1.57
N LEU A 141 23.42 -0.59 -2.41
CA LEU A 141 23.65 0.78 -2.01
C LEU A 141 22.58 1.11 -0.97
N GLY A 142 21.32 0.90 -1.35
CA GLY A 142 20.19 1.14 -0.46
C GLY A 142 20.38 0.39 0.87
N ASN A 143 20.58 -0.93 0.79
CA ASN A 143 20.81 -1.71 1.98
C ASN A 143 21.81 -0.98 2.86
N LEU A 144 22.88 -0.51 2.24
CA LEU A 144 23.90 0.20 3.00
C LEU A 144 23.32 1.51 3.54
N LEU A 145 22.50 2.16 2.71
CA LEU A 145 21.90 3.42 3.10
C LEU A 145 20.89 3.25 4.24
N LYS A 146 20.11 2.19 4.14
CA LYS A 146 19.09 1.82 5.11
C LYS A 146 19.77 1.65 6.45
N ALA A 147 20.65 0.66 6.55
CA ALA A 147 21.37 0.41 7.79
C ALA A 147 22.01 1.67 8.37
N LEU A 148 21.94 2.77 7.62
CA LEU A 148 22.52 4.03 8.07
C LEU A 148 21.44 5.02 8.45
N GLY A 149 20.19 4.56 8.45
CA GLY A 149 19.10 5.45 8.81
C GLY A 149 18.44 6.15 7.64
N ARG A 150 19.25 6.75 6.76
CA ARG A 150 18.69 7.46 5.61
C ARG A 150 17.83 6.52 4.77
N LEU A 151 16.56 6.39 5.14
CA LEU A 151 15.65 5.50 4.44
C LEU A 151 15.09 6.15 3.19
N GLU A 152 14.89 7.45 3.24
CA GLU A 152 14.36 8.17 2.09
C GLU A 152 15.25 7.96 0.87
N GLU A 153 16.56 7.91 1.12
CA GLU A 153 17.53 7.71 0.07
C GLU A 153 17.41 6.26 -0.38
N ALA A 154 17.77 5.34 0.49
CA ALA A 154 17.68 3.92 0.14
C ALA A 154 16.38 3.64 -0.59
N LYS A 155 15.31 4.34 -0.21
CA LYS A 155 14.04 4.12 -0.86
C LYS A 155 14.20 4.45 -2.34
N ALA A 156 14.84 5.60 -2.63
CA ALA A 156 15.10 6.10 -4.00
C ALA A 156 15.78 5.01 -4.86
N CYS A 157 16.80 4.38 -4.26
CA CYS A 157 17.53 3.30 -4.87
C CYS A 157 16.60 2.14 -5.21
N TYR A 158 16.04 1.49 -4.20
CA TYR A 158 15.14 0.34 -4.46
C TYR A 158 14.11 0.77 -5.49
N LEU A 159 13.60 1.98 -5.32
CA LEU A 159 12.61 2.48 -6.27
C LEU A 159 13.14 2.39 -7.70
N LYS A 160 14.37 2.89 -7.90
CA LYS A 160 15.05 2.90 -9.21
C LYS A 160 15.41 1.49 -9.68
N ALA A 161 16.12 0.73 -8.85
CA ALA A 161 16.49 -0.63 -9.25
C ALA A 161 15.31 -1.41 -9.80
N ILE A 162 14.08 -1.01 -9.46
CA ILE A 162 12.90 -1.71 -9.92
C ILE A 162 12.53 -1.13 -11.27
N GLU A 163 12.73 0.17 -11.38
CA GLU A 163 12.48 0.88 -12.63
C GLU A 163 13.37 0.17 -13.65
N THR A 164 14.66 0.02 -13.31
CA THR A 164 15.60 -0.68 -14.19
C THR A 164 15.04 -2.07 -14.39
N GLN A 165 15.09 -2.88 -13.34
CA GLN A 165 14.63 -4.26 -13.38
C GLN A 165 13.30 -4.49 -12.62
N PRO A 166 12.17 -4.42 -13.35
CA PRO A 166 10.85 -4.63 -12.73
C PRO A 166 10.66 -6.00 -12.07
N ASN A 167 11.27 -7.03 -12.63
CA ASN A 167 11.12 -8.38 -12.07
C ASN A 167 12.17 -8.62 -10.99
N PHE A 168 12.82 -7.54 -10.55
CA PHE A 168 13.87 -7.63 -9.52
C PHE A 168 13.24 -7.86 -8.12
N ALA A 169 12.85 -9.12 -7.84
CA ALA A 169 12.21 -9.46 -6.58
C ALA A 169 12.88 -8.84 -5.35
N VAL A 170 14.05 -9.32 -4.96
CA VAL A 170 14.71 -8.76 -3.80
C VAL A 170 14.50 -7.26 -3.70
N ALA A 171 14.42 -6.57 -4.85
CA ALA A 171 14.24 -5.13 -4.84
C ALA A 171 12.99 -4.74 -4.04
N TRP A 172 11.87 -5.36 -4.40
CA TRP A 172 10.58 -5.14 -3.75
C TRP A 172 10.65 -5.37 -2.24
N SER A 173 10.77 -6.63 -1.84
CA SER A 173 10.88 -6.94 -0.44
C SER A 173 11.71 -5.88 0.29
N ASN A 174 12.92 -5.64 -0.18
CA ASN A 174 13.78 -4.64 0.46
C ASN A 174 13.12 -3.28 0.59
N LEU A 175 12.43 -2.85 -0.45
CA LEU A 175 11.77 -1.55 -0.39
C LEU A 175 10.64 -1.68 0.62
N GLY A 176 10.04 -2.87 0.65
CA GLY A 176 8.96 -3.13 1.58
C GLY A 176 9.40 -2.87 3.01
N CYS A 177 10.60 -3.32 3.35
CA CYS A 177 11.09 -3.12 4.70
C CYS A 177 11.34 -1.66 5.03
N VAL A 178 11.34 -0.80 4.03
CA VAL A 178 11.59 0.60 4.31
C VAL A 178 10.28 1.24 4.73
N PHE A 179 9.19 0.79 4.11
CA PHE A 179 7.88 1.31 4.40
C PHE A 179 7.44 0.80 5.75
N ASN A 180 7.67 -0.48 6.00
CA ASN A 180 7.32 -1.05 7.29
C ASN A 180 8.01 -0.22 8.37
N ALA A 181 9.34 -0.13 8.31
CA ALA A 181 10.09 0.64 9.29
C ALA A 181 9.59 2.09 9.38
N GLN A 182 8.86 2.52 8.37
CA GLN A 182 8.33 3.87 8.37
C GLN A 182 6.89 3.87 8.83
N GLY A 183 6.38 2.68 9.15
CA GLY A 183 5.02 2.59 9.61
C GLY A 183 4.00 2.55 8.51
N GLU A 184 4.46 2.37 7.28
CA GLU A 184 3.54 2.32 6.15
C GLU A 184 3.10 0.89 5.90
N ILE A 185 2.34 0.39 6.85
CA ILE A 185 1.80 -0.97 6.86
C ILE A 185 1.22 -1.45 5.53
N TRP A 186 0.50 -0.59 4.82
CA TRP A 186 -0.15 -0.99 3.58
C TRP A 186 0.76 -1.15 2.39
N LEU A 187 1.76 -0.27 2.28
CA LEU A 187 2.73 -0.32 1.19
C LEU A 187 3.61 -1.51 1.51
N ALA A 188 4.19 -1.49 2.71
CA ALA A 188 5.06 -2.56 3.16
C ALA A 188 4.48 -3.92 2.83
N ILE A 189 3.17 -4.08 2.92
CA ILE A 189 2.61 -5.38 2.63
C ILE A 189 2.43 -5.51 1.11
N HIS A 190 2.02 -4.44 0.46
CA HIS A 190 1.82 -4.44 -0.98
C HIS A 190 3.08 -4.94 -1.71
N HIS A 191 4.22 -4.40 -1.33
CA HIS A 191 5.50 -4.80 -1.90
C HIS A 191 5.76 -6.27 -1.60
N PHE A 192 5.92 -6.60 -0.31
CA PHE A 192 6.14 -7.99 0.11
C PHE A 192 5.30 -8.96 -0.72
N GLU A 193 4.22 -8.47 -1.31
CA GLU A 193 3.35 -9.29 -2.12
C GLU A 193 3.93 -9.52 -3.53
N LYS A 194 4.52 -8.47 -4.12
CA LYS A 194 5.16 -8.59 -5.44
C LYS A 194 6.30 -9.57 -5.23
N ALA A 195 7.16 -9.20 -4.29
CA ALA A 195 8.33 -10.00 -3.94
C ALA A 195 8.04 -11.49 -3.97
N VAL A 196 6.79 -11.87 -3.77
CA VAL A 196 6.45 -13.29 -3.76
C VAL A 196 5.66 -13.71 -4.98
N THR A 197 4.89 -12.78 -5.54
CA THR A 197 4.11 -13.12 -6.72
C THR A 197 5.17 -13.49 -7.76
N LEU A 198 6.20 -12.64 -7.85
CA LEU A 198 7.35 -12.80 -8.75
C LEU A 198 8.12 -14.05 -8.38
N ASP A 199 8.78 -14.03 -7.22
CA ASP A 199 9.57 -15.17 -6.78
C ASP A 199 8.94 -15.93 -5.59
N PRO A 200 8.09 -16.91 -5.91
CA PRO A 200 7.38 -17.76 -4.94
C PRO A 200 8.22 -18.64 -4.03
N ASN A 201 9.50 -18.35 -3.85
CA ASN A 201 10.33 -19.17 -2.99
C ASN A 201 11.15 -18.22 -2.16
N PHE A 202 10.81 -16.96 -2.32
CA PHE A 202 11.48 -15.90 -1.61
C PHE A 202 11.07 -15.99 -0.12
N LEU A 203 11.79 -16.82 0.64
CA LEU A 203 11.52 -17.03 2.07
C LEU A 203 11.33 -15.71 2.79
N ASP A 204 12.42 -14.98 2.97
CA ASP A 204 12.37 -13.68 3.63
C ASP A 204 11.21 -12.83 3.16
N ALA A 205 10.68 -13.10 1.99
CA ALA A 205 9.56 -12.31 1.52
C ALA A 205 8.38 -12.62 2.42
N TYR A 206 8.03 -13.90 2.51
CA TYR A 206 6.94 -14.35 3.34
C TYR A 206 7.21 -13.94 4.79
N ILE A 207 8.29 -14.43 5.37
CA ILE A 207 8.61 -14.07 6.75
C ILE A 207 8.39 -12.59 7.02
N ASN A 208 8.54 -11.76 5.99
CA ASN A 208 8.38 -10.33 6.15
C ASN A 208 6.93 -9.92 5.99
N LEU A 209 6.24 -10.62 5.10
CA LEU A 209 4.83 -10.33 4.81
C LEU A 209 3.97 -10.59 6.06
N GLY A 210 4.06 -11.81 6.60
CA GLY A 210 3.32 -12.19 7.79
C GLY A 210 3.77 -11.42 9.02
N ASN A 211 5.05 -11.13 9.11
CA ASN A 211 5.53 -10.38 10.24
C ASN A 211 4.82 -9.03 10.28
N VAL A 212 4.27 -8.58 9.15
CA VAL A 212 3.64 -7.26 9.15
C VAL A 212 2.14 -7.33 9.11
N LEU A 213 1.62 -8.42 8.58
CA LEU A 213 0.19 -8.64 8.57
C LEU A 213 -0.16 -8.74 10.06
N LYS A 214 0.68 -9.48 10.77
CA LYS A 214 0.54 -9.70 12.19
C LYS A 214 0.50 -8.42 13.02
N GLU A 215 1.45 -7.52 12.82
CA GLU A 215 1.42 -6.31 13.62
C GLU A 215 0.33 -5.35 13.16
N ALA A 216 -0.51 -5.83 12.24
CA ALA A 216 -1.62 -5.04 11.74
C ALA A 216 -2.87 -5.84 12.18
N ARG A 217 -2.60 -6.91 12.91
CA ARG A 217 -3.62 -7.81 13.41
C ARG A 217 -4.52 -8.33 12.30
N ILE A 218 -3.91 -8.86 11.25
CA ILE A 218 -4.68 -9.46 10.15
C ILE A 218 -4.18 -10.88 10.16
N PHE A 219 -4.43 -11.53 11.30
CA PHE A 219 -3.99 -12.90 11.60
C PHE A 219 -4.32 -14.07 10.68
N ASP A 220 -5.45 -14.07 9.99
CA ASP A 220 -5.69 -15.25 9.15
C ASP A 220 -4.61 -15.30 8.09
N ARG A 221 -4.52 -14.20 7.33
CA ARG A 221 -3.54 -14.02 6.28
C ARG A 221 -2.15 -14.24 6.88
N ALA A 222 -1.83 -13.48 7.91
CA ALA A 222 -0.54 -13.59 8.56
C ALA A 222 -0.17 -15.02 8.91
N VAL A 223 -1.09 -15.94 8.70
CA VAL A 223 -0.83 -17.34 9.04
C VAL A 223 -0.59 -18.07 7.75
N ALA A 224 -1.25 -17.60 6.70
CA ALA A 224 -1.07 -18.22 5.40
C ALA A 224 0.41 -18.04 5.08
N ALA A 225 0.90 -16.82 5.36
CA ALA A 225 2.29 -16.49 5.14
C ALA A 225 3.21 -17.42 5.89
N TYR A 226 3.41 -17.18 7.19
CA TYR A 226 4.31 -18.03 7.98
C TYR A 226 4.19 -19.49 7.62
N LEU A 227 3.00 -19.92 7.25
CA LEU A 227 2.82 -21.31 6.90
C LEU A 227 3.68 -21.58 5.70
N ARG A 228 3.55 -20.70 4.71
CA ARG A 228 4.33 -20.76 3.48
C ARG A 228 5.81 -20.68 3.86
N ALA A 229 6.17 -19.57 4.47
CA ALA A 229 7.54 -19.37 4.90
C ALA A 229 8.09 -20.64 5.52
N LEU A 230 7.27 -21.35 6.30
CA LEU A 230 7.72 -22.58 6.98
C LEU A 230 7.73 -23.79 6.04
N SER A 231 6.95 -23.72 4.96
CA SER A 231 6.94 -24.82 4.00
C SER A 231 8.30 -24.78 3.30
N LEU A 232 8.86 -23.58 3.19
CA LEU A 232 10.16 -23.37 2.55
C LEU A 232 11.31 -23.62 3.53
N SER A 233 11.04 -23.45 4.82
CA SER A 233 12.07 -23.66 5.86
C SER A 233 11.47 -24.33 7.10
N PRO A 234 11.26 -25.64 7.03
CA PRO A 234 10.70 -26.51 8.08
C PRO A 234 11.19 -26.32 9.51
N ASN A 235 12.45 -25.99 9.66
CA ASN A 235 13.04 -25.84 11.00
C ASN A 235 13.40 -24.41 11.34
N HIS A 236 12.66 -23.46 10.79
CA HIS A 236 12.92 -22.07 11.10
C HIS A 236 12.28 -21.75 12.46
N ALA A 237 13.09 -21.67 13.52
CA ALA A 237 12.57 -21.40 14.86
C ALA A 237 11.81 -20.09 14.91
N VAL A 238 12.53 -18.97 14.90
CA VAL A 238 11.90 -17.67 14.94
C VAL A 238 10.57 -17.59 14.20
N VAL A 239 10.39 -18.31 13.11
CA VAL A 239 9.12 -18.23 12.39
C VAL A 239 8.03 -18.99 13.11
N HIS A 240 8.43 -19.93 13.96
CA HIS A 240 7.50 -20.72 14.75
C HIS A 240 7.01 -19.83 15.90
N GLY A 241 7.98 -19.28 16.62
CA GLY A 241 7.67 -18.40 17.73
C GLY A 241 6.79 -17.24 17.35
N ASN A 242 6.62 -16.98 16.07
CA ASN A 242 5.78 -15.86 15.64
C ASN A 242 4.44 -16.38 15.17
N LEU A 243 4.45 -17.58 14.61
CA LEU A 243 3.21 -18.18 14.16
C LEU A 243 2.41 -18.46 15.45
N ALA A 244 3.12 -18.91 16.48
CA ALA A 244 2.53 -19.22 17.78
C ALA A 244 1.74 -18.03 18.29
N CYS A 245 2.38 -16.87 18.35
CA CYS A 245 1.70 -15.67 18.81
C CYS A 245 0.47 -15.39 17.98
N VAL A 246 0.54 -15.63 16.68
CA VAL A 246 -0.63 -15.34 15.88
C VAL A 246 -1.79 -16.25 16.26
N TYR A 247 -1.47 -17.45 16.73
CA TYR A 247 -2.46 -18.46 17.15
C TYR A 247 -3.07 -17.99 18.47
N TYR A 248 -2.21 -17.83 19.47
CA TYR A 248 -2.64 -17.35 20.76
C TYR A 248 -3.59 -16.19 20.56
N GLU A 249 -3.27 -15.32 19.62
CA GLU A 249 -4.08 -14.15 19.35
C GLU A 249 -5.45 -14.52 18.84
N GLN A 250 -5.55 -15.64 18.13
CA GLN A 250 -6.86 -16.03 17.63
C GLN A 250 -7.54 -17.08 18.50
N GLY A 251 -7.16 -17.12 19.77
CA GLY A 251 -7.77 -18.06 20.68
C GLY A 251 -7.19 -19.45 20.81
N LEU A 252 -6.72 -20.02 19.71
CA LEU A 252 -6.17 -21.39 19.71
C LEU A 252 -4.97 -21.53 20.65
N ILE A 253 -5.24 -21.46 21.96
CA ILE A 253 -4.21 -21.54 22.99
C ILE A 253 -3.45 -22.85 22.99
N ASP A 254 -4.09 -23.93 22.59
CA ASP A 254 -3.35 -25.17 22.62
C ASP A 254 -2.29 -25.24 21.53
N LEU A 255 -2.64 -24.82 20.31
CA LEU A 255 -1.69 -24.81 19.20
C LEU A 255 -0.48 -24.00 19.61
N ALA A 256 -0.72 -22.78 20.03
CA ALA A 256 0.35 -21.90 20.46
C ALA A 256 1.23 -22.66 21.43
N ILE A 257 0.60 -23.43 22.33
CA ILE A 257 1.34 -24.21 23.32
C ILE A 257 2.38 -25.10 22.64
N ASP A 258 1.91 -25.95 21.72
CA ASP A 258 2.78 -26.86 20.96
C ASP A 258 3.85 -26.04 20.27
N THR A 259 3.38 -25.19 19.36
CA THR A 259 4.20 -24.31 18.57
C THR A 259 5.32 -23.67 19.38
N TYR A 260 4.98 -22.95 20.45
CA TYR A 260 6.01 -22.32 21.26
C TYR A 260 7.00 -23.36 21.75
N ARG A 261 6.52 -24.58 21.98
CA ARG A 261 7.42 -25.63 22.44
C ARG A 261 8.26 -26.11 21.28
N ARG A 262 7.72 -26.05 20.07
CA ARG A 262 8.49 -26.47 18.92
C ARG A 262 9.63 -25.48 18.71
N ALA A 263 9.26 -24.21 18.66
CA ALA A 263 10.24 -23.16 18.46
C ALA A 263 11.34 -23.19 19.49
N ILE A 264 11.03 -23.62 20.71
CA ILE A 264 12.06 -23.67 21.76
C ILE A 264 13.03 -24.81 21.45
N GLU A 265 12.51 -25.88 20.85
CA GLU A 265 13.32 -27.04 20.50
C GLU A 265 14.39 -26.55 19.52
N LEU A 266 13.92 -25.96 18.43
CA LEU A 266 14.79 -25.43 17.39
C LEU A 266 15.57 -24.21 17.86
N GLN A 267 15.69 -24.01 19.17
CA GLN A 267 16.45 -22.86 19.66
C GLN A 267 16.47 -22.68 21.18
N PRO A 268 16.96 -23.69 21.92
CA PRO A 268 17.03 -23.62 23.38
C PRO A 268 17.16 -22.20 23.95
N HIS A 269 18.14 -21.43 23.49
CA HIS A 269 18.26 -20.08 24.02
C HIS A 269 17.25 -19.19 23.30
N PHE A 270 15.98 -19.29 23.71
CA PHE A 270 14.93 -18.49 23.10
C PHE A 270 14.01 -17.86 24.14
N PRO A 271 14.54 -16.96 24.97
CA PRO A 271 13.75 -16.27 26.01
C PRO A 271 12.35 -15.89 25.55
N ASP A 272 12.23 -14.81 24.80
CA ASP A 272 10.94 -14.39 24.27
C ASP A 272 9.97 -15.54 24.00
N ALA A 273 10.47 -16.68 23.56
CA ALA A 273 9.59 -17.81 23.26
C ALA A 273 9.04 -18.42 24.56
N TYR A 274 9.88 -18.47 25.59
CA TYR A 274 9.48 -18.99 26.89
C TYR A 274 8.44 -18.01 27.43
N CYS A 275 8.91 -16.79 27.68
CA CYS A 275 8.10 -15.70 28.19
C CYS A 275 6.77 -15.54 27.50
N ASN A 276 6.53 -16.32 26.45
CA ASN A 276 5.27 -16.23 25.72
C ASN A 276 4.48 -17.52 25.89
N LEU A 277 5.21 -18.60 26.10
CA LEU A 277 4.63 -19.92 26.30
C LEU A 277 3.96 -19.82 27.67
N ALA A 278 4.66 -19.14 28.58
CA ALA A 278 4.20 -18.90 29.93
C ALA A 278 2.86 -18.21 29.76
N ASN A 279 2.87 -17.01 29.18
CA ASN A 279 1.64 -16.26 28.94
C ASN A 279 0.53 -17.21 28.50
N ALA A 280 0.87 -18.15 27.63
CA ALA A 280 -0.11 -19.11 27.11
C ALA A 280 -0.62 -20.00 28.21
N LEU A 281 0.30 -20.57 28.97
CA LEU A 281 -0.05 -21.46 30.07
C LEU A 281 -0.89 -20.66 31.08
N LYS A 282 -0.33 -19.55 31.55
CA LYS A 282 -1.00 -18.70 32.52
C LYS A 282 -2.46 -18.47 32.21
N GLU A 283 -2.83 -18.57 30.95
CA GLU A 283 -4.22 -18.35 30.59
C GLU A 283 -5.02 -19.64 30.51
N LYS A 284 -4.35 -20.78 30.41
CA LYS A 284 -5.06 -22.05 30.33
C LYS A 284 -5.25 -22.58 31.75
N GLY A 285 -4.73 -21.84 32.71
CA GLY A 285 -4.84 -22.25 34.10
C GLY A 285 -3.52 -22.74 34.67
N SER A 286 -2.76 -23.48 33.86
CA SER A 286 -1.47 -24.01 34.29
C SER A 286 -0.56 -22.89 34.74
N VAL A 287 -0.89 -22.26 35.87
CA VAL A 287 -0.10 -21.14 36.36
C VAL A 287 1.17 -21.57 37.08
N ALA A 288 1.28 -22.87 37.37
CA ALA A 288 2.49 -23.36 38.04
C ALA A 288 3.60 -23.38 37.00
N GLU A 289 3.35 -24.12 35.90
CA GLU A 289 4.29 -24.22 34.80
C GLU A 289 4.61 -22.81 34.35
N ALA A 290 3.56 -22.03 34.14
CA ALA A 290 3.76 -20.66 33.72
C ALA A 290 4.88 -20.02 34.54
N GLU A 291 4.79 -20.09 35.86
CA GLU A 291 5.84 -19.46 36.67
C GLU A 291 7.21 -20.08 36.37
N ASP A 292 7.23 -21.34 35.96
CA ASP A 292 8.49 -22.01 35.65
C ASP A 292 9.16 -21.47 34.39
N CYS A 293 8.38 -21.28 33.34
CA CYS A 293 8.92 -20.75 32.11
C CYS A 293 9.52 -19.38 32.37
N TYR A 294 8.75 -18.47 32.97
CA TYR A 294 9.27 -17.14 33.25
C TYR A 294 10.55 -17.26 34.07
N ASN A 295 10.67 -18.35 34.82
CA ASN A 295 11.86 -18.56 35.63
C ASN A 295 13.01 -18.85 34.68
N THR A 296 12.78 -19.79 33.77
CA THR A 296 13.76 -20.16 32.76
C THR A 296 14.12 -18.92 31.94
N ALA A 297 13.10 -18.28 31.41
CA ALA A 297 13.29 -17.09 30.61
C ALA A 297 14.18 -16.09 31.34
N LEU A 298 13.99 -15.94 32.64
CA LEU A 298 14.82 -15.01 33.41
C LEU A 298 16.15 -15.63 33.80
N ARG A 299 16.33 -16.91 33.47
CA ARG A 299 17.59 -17.62 33.71
C ARG A 299 18.42 -17.29 32.47
N LEU A 300 17.82 -17.51 31.29
CA LEU A 300 18.47 -17.23 30.03
C LEU A 300 18.71 -15.75 29.89
N CYS A 301 17.72 -14.93 30.22
CA CYS A 301 17.88 -13.49 30.10
C CYS A 301 17.50 -12.76 31.37
N PRO A 302 18.37 -12.79 32.37
CA PRO A 302 18.14 -12.12 33.65
C PRO A 302 17.63 -10.69 33.56
N THR A 303 17.50 -10.19 32.34
CA THR A 303 17.04 -8.82 32.14
C THR A 303 15.80 -8.74 31.27
N HIS A 304 15.08 -9.86 31.14
CA HIS A 304 13.87 -9.89 30.32
C HIS A 304 12.68 -9.24 31.03
N ALA A 305 12.49 -7.95 30.78
CA ALA A 305 11.42 -7.14 31.38
C ALA A 305 10.03 -7.75 31.32
N ASP A 306 9.61 -8.22 30.15
CA ASP A 306 8.29 -8.82 30.05
C ASP A 306 8.21 -10.01 30.98
N SER A 307 9.26 -10.81 31.03
CA SER A 307 9.24 -11.95 31.93
C SER A 307 9.15 -11.42 33.35
N LEU A 308 9.79 -10.29 33.60
CA LEU A 308 9.76 -9.69 34.93
C LEU A 308 8.34 -9.28 35.27
N ASN A 309 7.81 -8.33 34.51
CA ASN A 309 6.48 -7.79 34.67
C ASN A 309 5.34 -8.80 34.72
N ASN A 310 5.43 -9.83 33.88
CA ASN A 310 4.43 -10.88 33.83
C ASN A 310 4.51 -11.85 34.98
N LEU A 311 5.70 -12.00 35.56
CA LEU A 311 5.84 -12.92 36.68
C LEU A 311 5.40 -12.22 37.95
N ALA A 312 5.47 -10.90 37.94
CA ALA A 312 5.07 -10.13 39.10
C ALA A 312 3.55 -10.28 39.21
N ASN A 313 2.87 -10.22 38.08
CA ASN A 313 1.42 -10.39 38.05
C ASN A 313 1.09 -11.71 38.73
N ILE A 314 1.69 -12.81 38.26
CA ILE A 314 1.44 -14.11 38.84
C ILE A 314 1.67 -14.08 40.36
N LYS A 315 2.61 -13.27 40.81
CA LYS A 315 2.92 -13.17 42.25
C LYS A 315 1.90 -12.34 43.02
N ARG A 316 1.35 -11.32 42.38
CA ARG A 316 0.36 -10.47 43.02
C ARG A 316 -0.88 -11.30 43.27
N GLU A 317 -1.11 -12.27 42.40
CA GLU A 317 -2.27 -13.13 42.49
C GLU A 317 -2.04 -14.31 43.41
N GLN A 318 -1.02 -14.22 44.23
CA GLN A 318 -0.70 -15.27 45.18
C GLN A 318 -0.48 -14.54 46.50
N GLY A 319 -0.93 -13.29 46.53
CA GLY A 319 -0.76 -12.48 47.72
C GLY A 319 0.63 -11.87 47.75
N ASN A 320 1.61 -12.58 47.20
CA ASN A 320 3.00 -12.11 47.14
C ASN A 320 3.14 -10.72 46.56
N ILE A 321 2.70 -9.71 47.32
CA ILE A 321 2.77 -8.34 46.86
C ILE A 321 4.16 -7.73 46.97
N GLU A 322 4.75 -7.78 48.15
CA GLU A 322 6.10 -7.25 48.35
C GLU A 322 6.99 -7.65 47.17
N GLU A 323 7.04 -8.95 46.87
CA GLU A 323 7.81 -9.50 45.76
C GLU A 323 7.31 -8.94 44.43
N ALA A 324 6.01 -9.02 44.21
CA ALA A 324 5.40 -8.51 43.00
C ALA A 324 5.89 -7.08 42.75
N VAL A 325 6.25 -6.40 43.82
CA VAL A 325 6.72 -5.03 43.70
C VAL A 325 8.21 -5.01 43.37
N ARG A 326 8.94 -6.01 43.86
CA ARG A 326 10.38 -6.08 43.59
C ARG A 326 10.54 -6.29 42.10
N LEU A 327 9.73 -7.20 41.56
CA LEU A 327 9.77 -7.50 40.14
C LEU A 327 9.30 -6.30 39.32
N TYR A 328 8.20 -5.67 39.73
CA TYR A 328 7.68 -4.51 39.01
C TYR A 328 8.74 -3.41 39.03
N ARG A 329 9.52 -3.37 40.10
CA ARG A 329 10.56 -2.36 40.25
C ARG A 329 11.82 -2.69 39.45
N LYS A 330 12.08 -3.99 39.27
CA LYS A 330 13.24 -4.44 38.52
C LYS A 330 12.97 -4.23 37.02
N ALA A 331 11.74 -4.45 36.62
CA ALA A 331 11.36 -4.28 35.24
C ALA A 331 11.34 -2.81 34.83
N LEU A 332 11.18 -1.92 35.81
CA LEU A 332 11.15 -0.49 35.52
C LEU A 332 12.57 0.05 35.57
N GLU A 333 13.49 -0.77 36.03
CA GLU A 333 14.89 -0.40 36.11
C GLU A 333 15.56 -0.79 34.80
N VAL A 334 15.15 -1.93 34.29
CA VAL A 334 15.65 -2.48 33.04
C VAL A 334 15.03 -1.76 31.86
N PHE A 335 13.94 -1.03 32.10
CA PHE A 335 13.25 -0.34 31.03
C PHE A 335 12.30 0.72 31.58
N PRO A 336 12.81 1.90 31.95
CA PRO A 336 12.04 3.01 32.50
C PRO A 336 10.87 3.48 31.63
N GLU A 337 10.80 2.99 30.39
CA GLU A 337 9.73 3.39 29.47
C GLU A 337 8.65 2.31 29.37
N PHE A 338 8.60 1.45 30.38
CA PHE A 338 7.63 0.34 30.41
C PHE A 338 6.27 0.77 30.90
N ALA A 339 5.42 1.21 29.98
CA ALA A 339 4.07 1.65 30.32
C ALA A 339 3.39 0.66 31.26
N ALA A 340 3.21 -0.57 30.79
CA ALA A 340 2.57 -1.61 31.59
C ALA A 340 3.10 -1.61 33.01
N ALA A 341 4.30 -2.14 33.20
CA ALA A 341 4.91 -2.22 34.51
C ALA A 341 4.56 -1.01 35.36
N HIS A 342 4.49 0.15 34.72
CA HIS A 342 4.18 1.38 35.44
C HIS A 342 2.80 1.41 36.08
N SER A 343 1.81 0.87 35.38
CA SER A 343 0.47 0.84 35.93
C SER A 343 0.31 -0.42 36.80
N ASN A 344 0.85 -1.54 36.35
CA ASN A 344 0.78 -2.77 37.14
C ASN A 344 1.18 -2.50 38.59
N LEU A 345 2.25 -1.75 38.75
CA LEU A 345 2.72 -1.40 40.08
C LEU A 345 1.77 -0.36 40.66
N ALA A 346 1.46 0.64 39.85
CA ALA A 346 0.56 1.71 40.27
C ALA A 346 -0.76 1.12 40.77
N SER A 347 -1.00 -0.16 40.47
CA SER A 347 -2.23 -0.81 40.93
C SER A 347 -2.00 -1.40 42.31
N VAL A 348 -0.88 -2.10 42.48
CA VAL A 348 -0.57 -2.68 43.78
C VAL A 348 -0.42 -1.59 44.83
N LEU A 349 -0.03 -0.40 44.41
CA LEU A 349 0.12 0.70 45.34
C LEU A 349 -1.25 1.25 45.67
N GLN A 350 -2.08 1.40 44.65
CA GLN A 350 -3.42 1.92 44.83
C GLN A 350 -4.24 1.01 45.75
N GLN A 351 -3.94 -0.28 45.70
CA GLN A 351 -4.63 -1.28 46.51
C GLN A 351 -4.15 -1.25 47.96
N GLN A 352 -3.03 -0.59 48.21
CA GLN A 352 -2.48 -0.50 49.55
C GLN A 352 -2.72 0.89 50.12
N GLY A 353 -3.44 1.72 49.38
CA GLY A 353 -3.73 3.06 49.85
C GLY A 353 -2.62 4.06 49.64
N LYS A 354 -1.60 3.68 48.88
CA LYS A 354 -0.47 4.57 48.57
C LYS A 354 -0.81 5.32 47.29
N LEU A 355 -1.93 6.04 47.32
CA LEU A 355 -2.44 6.79 46.19
C LEU A 355 -1.51 7.78 45.49
N GLN A 356 -0.86 8.67 46.23
CA GLN A 356 0.05 9.63 45.59
C GLN A 356 1.09 8.89 44.76
N GLU A 357 1.75 7.91 45.37
CA GLU A 357 2.77 7.15 44.67
C GLU A 357 2.14 6.31 43.55
N ALA A 358 0.83 6.29 43.49
CA ALA A 358 0.17 5.52 42.45
C ALA A 358 -0.14 6.43 41.27
N LEU A 359 -0.41 7.69 41.55
CA LEU A 359 -0.70 8.63 40.48
C LEU A 359 0.57 8.77 39.68
N MET A 360 1.67 8.92 40.40
CA MET A 360 3.00 9.08 39.80
C MET A 360 3.25 8.09 38.69
N HIS A 361 2.93 6.83 38.93
CA HIS A 361 3.13 5.80 37.93
C HIS A 361 2.04 5.79 36.88
N TYR A 362 0.82 6.14 37.24
CA TYR A 362 -0.25 6.15 36.26
C TYR A 362 0.00 7.28 35.25
N LYS A 363 0.52 8.41 35.74
CA LYS A 363 0.85 9.55 34.89
C LYS A 363 1.96 9.15 33.94
N GLU A 364 2.98 8.50 34.50
CA GLU A 364 4.14 8.07 33.76
C GLU A 364 3.88 6.94 32.77
N ALA A 365 2.78 6.22 32.94
CA ALA A 365 2.45 5.13 32.03
C ALA A 365 1.51 5.62 30.93
N ILE A 366 0.90 6.78 31.16
CA ILE A 366 -0.01 7.38 30.21
C ILE A 366 0.81 8.24 29.25
N ARG A 367 1.84 8.88 29.81
CA ARG A 367 2.71 9.72 29.03
C ARG A 367 3.58 8.85 28.12
N ILE A 368 3.61 7.55 28.40
CA ILE A 368 4.40 6.60 27.61
C ILE A 368 3.53 5.91 26.56
N SER A 369 2.22 6.06 26.68
CA SER A 369 1.31 5.43 25.72
C SER A 369 -0.08 6.01 25.87
N PRO A 370 -0.24 7.29 25.54
CA PRO A 370 -1.47 8.09 25.60
C PRO A 370 -2.76 7.39 25.19
N THR A 371 -2.65 6.17 24.70
CA THR A 371 -3.82 5.40 24.27
C THR A 371 -4.20 4.32 25.27
N PHE A 372 -3.45 4.26 26.37
CA PHE A 372 -3.68 3.28 27.44
C PHE A 372 -5.02 3.60 28.10
N ALA A 373 -6.05 2.86 27.72
CA ALA A 373 -7.38 3.08 28.29
C ALA A 373 -7.42 2.68 29.76
N ASP A 374 -6.86 1.51 30.07
CA ASP A 374 -6.84 0.97 31.43
C ASP A 374 -6.22 1.95 32.43
N ALA A 375 -5.03 2.46 32.13
CA ALA A 375 -4.34 3.38 33.02
C ALA A 375 -5.13 4.66 33.17
N TYR A 376 -6.06 4.92 32.26
CA TYR A 376 -6.86 6.12 32.36
C TYR A 376 -8.00 5.90 33.33
N SER A 377 -8.52 4.69 33.34
CA SER A 377 -9.62 4.35 34.23
C SER A 377 -9.13 4.34 35.67
N ASN A 378 -8.01 3.66 35.90
CA ASN A 378 -7.45 3.56 37.25
C ASN A 378 -7.03 4.90 37.84
N MET A 379 -6.28 5.69 37.09
CA MET A 379 -5.83 6.97 37.60
C MET A 379 -7.07 7.80 37.91
N GLY A 380 -8.15 7.50 37.20
CA GLY A 380 -9.38 8.22 37.43
C GLY A 380 -9.92 7.87 38.79
N ASN A 381 -9.86 6.59 39.13
CA ASN A 381 -10.34 6.10 40.42
C ASN A 381 -9.51 6.67 41.57
N THR A 382 -8.21 6.47 41.51
CA THR A 382 -7.31 6.97 42.55
C THR A 382 -7.56 8.42 42.91
N LEU A 383 -7.58 9.29 41.90
CA LEU A 383 -7.79 10.70 42.15
C LEU A 383 -9.10 10.88 42.92
N LYS A 384 -10.05 9.99 42.67
CA LYS A 384 -11.35 10.07 43.35
C LYS A 384 -11.22 9.67 44.82
N GLU A 385 -10.62 8.51 45.06
CA GLU A 385 -10.43 8.02 46.42
C GLU A 385 -9.62 9.00 47.26
N MET A 386 -8.93 9.93 46.59
CA MET A 386 -8.15 10.92 47.29
C MET A 386 -9.03 12.14 47.53
N GLN A 387 -10.29 12.07 47.08
CA GLN A 387 -11.21 13.18 47.24
C GLN A 387 -12.56 12.84 47.87
N ASP A 388 -12.62 11.76 48.64
CA ASP A 388 -13.89 11.41 49.27
C ASP A 388 -13.83 11.56 50.79
N GLY B 1 -11.46 55.60 -9.97
CA GLY B 1 -12.84 56.11 -9.72
C GLY B 1 -13.59 55.19 -8.78
N PRO B 2 -14.94 55.34 -8.66
CA PRO B 2 -15.72 54.48 -7.77
C PRO B 2 -15.38 53.01 -8.02
N MET B 3 -14.55 52.79 -9.04
CA MET B 3 -14.09 51.47 -9.38
C MET B 3 -13.49 50.89 -8.11
N GLU B 4 -12.95 51.75 -7.25
CA GLU B 4 -12.36 51.26 -6.01
C GLU B 4 -13.50 50.81 -5.09
N LEU B 5 -14.47 51.69 -4.89
CA LEU B 5 -15.63 51.41 -4.06
C LEU B 5 -16.39 50.24 -4.62
N ALA B 6 -16.63 50.26 -5.93
CA ALA B 6 -17.34 49.19 -6.59
C ALA B 6 -16.67 47.86 -6.31
N HIS B 7 -15.38 47.80 -6.59
CA HIS B 7 -14.61 46.56 -6.40
C HIS B 7 -14.62 46.14 -4.93
N ARG B 8 -14.88 47.11 -4.06
CA ARG B 8 -14.91 46.88 -2.61
C ARG B 8 -16.24 46.25 -2.22
N GLU B 9 -17.34 46.92 -2.58
CA GLU B 9 -18.65 46.41 -2.23
C GLU B 9 -18.77 45.03 -2.85
N TYR B 10 -18.31 44.91 -4.09
CA TYR B 10 -18.39 43.63 -4.78
C TYR B 10 -17.53 42.60 -4.03
N GLN B 11 -16.41 43.02 -3.49
CA GLN B 11 -15.60 42.06 -2.79
C GLN B 11 -16.31 41.67 -1.52
N ALA B 12 -17.02 42.64 -0.93
CA ALA B 12 -17.74 42.43 0.31
C ALA B 12 -19.11 41.78 0.11
N GLY B 13 -19.33 41.20 -1.06
CA GLY B 13 -20.61 40.57 -1.33
C GLY B 13 -21.78 41.55 -1.35
N ASP B 14 -21.57 42.78 -0.90
CA ASP B 14 -22.58 43.83 -0.83
C ASP B 14 -23.02 44.28 -2.24
N PHE B 15 -23.41 43.30 -3.05
CA PHE B 15 -23.81 43.56 -4.42
C PHE B 15 -24.67 44.77 -4.75
N GLU B 16 -25.39 45.32 -3.78
CA GLU B 16 -26.24 46.48 -4.10
C GLU B 16 -25.45 47.77 -4.13
N ALA B 17 -24.53 47.95 -3.19
CA ALA B 17 -23.72 49.17 -3.15
C ALA B 17 -22.89 49.16 -4.42
N ALA B 18 -22.50 47.95 -4.80
CA ALA B 18 -21.71 47.70 -6.00
C ALA B 18 -22.46 48.25 -7.18
N GLU B 19 -23.56 47.59 -7.53
CA GLU B 19 -24.34 48.03 -8.67
C GLU B 19 -24.61 49.52 -8.66
N ARG B 20 -24.73 50.11 -7.47
CA ARG B 20 -25.00 51.53 -7.39
C ARG B 20 -23.80 52.26 -7.96
N HIS B 21 -22.68 52.17 -7.25
CA HIS B 21 -21.44 52.79 -7.67
C HIS B 21 -21.22 52.64 -9.18
N CYS B 22 -21.44 51.43 -9.68
CA CYS B 22 -21.26 51.15 -11.10
C CYS B 22 -22.08 52.07 -12.00
N MET B 23 -23.41 51.95 -11.97
CA MET B 23 -24.27 52.79 -12.82
C MET B 23 -23.85 54.26 -12.73
N GLN B 24 -23.52 54.70 -11.52
CA GLN B 24 -23.08 56.07 -11.32
C GLN B 24 -21.95 56.33 -12.31
N LEU B 25 -20.90 55.53 -12.17
CA LEU B 25 -19.72 55.64 -13.03
C LEU B 25 -20.10 55.52 -14.50
N TRP B 26 -20.68 54.39 -14.88
CA TRP B 26 -21.05 54.18 -16.28
C TRP B 26 -21.76 55.35 -16.94
N ARG B 27 -22.54 56.10 -16.17
CA ARG B 27 -23.27 57.23 -16.73
C ARG B 27 -22.41 58.44 -17.03
N GLN B 28 -21.18 58.39 -16.57
CA GLN B 28 -20.24 59.47 -16.79
C GLN B 28 -19.25 59.07 -17.89
N GLU B 29 -18.80 57.82 -17.81
CA GLU B 29 -17.86 57.26 -18.77
C GLU B 29 -18.50 56.08 -19.44
N PRO B 30 -19.40 56.31 -20.40
CA PRO B 30 -20.08 55.24 -21.13
C PRO B 30 -19.15 54.23 -21.79
N ASP B 31 -17.86 54.52 -21.77
CA ASP B 31 -16.85 53.67 -22.41
C ASP B 31 -16.16 52.74 -21.46
N ASN B 32 -16.17 53.09 -20.18
CA ASN B 32 -15.53 52.26 -19.17
C ASN B 32 -16.09 50.87 -19.41
N THR B 33 -15.28 50.04 -20.05
CA THR B 33 -15.65 48.67 -20.38
C THR B 33 -15.60 47.73 -19.18
N GLY B 34 -14.63 47.95 -18.31
CA GLY B 34 -14.48 47.16 -17.10
C GLY B 34 -15.67 47.32 -16.18
N VAL B 35 -16.40 48.43 -16.36
CA VAL B 35 -17.59 48.73 -15.60
C VAL B 35 -18.73 47.90 -16.16
N LEU B 36 -19.08 48.12 -17.42
CA LEU B 36 -20.12 47.31 -18.05
C LEU B 36 -19.77 45.84 -17.77
N LEU B 37 -18.50 45.59 -17.52
CA LEU B 37 -18.04 44.24 -17.28
C LEU B 37 -18.42 43.81 -15.88
N LEU B 38 -18.09 44.65 -14.91
CA LEU B 38 -18.38 44.41 -13.50
C LEU B 38 -19.86 44.23 -13.34
N LEU B 39 -20.63 45.15 -13.93
CA LEU B 39 -22.08 45.06 -13.85
C LEU B 39 -22.44 43.67 -14.27
N SER B 40 -22.32 43.38 -15.56
CA SER B 40 -22.63 42.06 -16.07
C SER B 40 -22.36 41.02 -14.98
N SER B 41 -21.14 41.02 -14.50
CA SER B 41 -20.72 40.08 -13.49
C SER B 41 -21.66 40.06 -12.28
N ILE B 42 -21.99 41.25 -11.75
CA ILE B 42 -22.88 41.40 -10.61
C ILE B 42 -24.26 40.80 -10.87
N HIS B 43 -24.94 41.33 -11.86
CA HIS B 43 -26.25 40.77 -12.17
C HIS B 43 -26.18 39.27 -12.35
N PHE B 44 -24.98 38.72 -12.43
CA PHE B 44 -24.84 37.27 -12.58
C PHE B 44 -24.93 36.61 -11.18
N GLN B 45 -24.31 37.28 -10.18
CA GLN B 45 -24.28 36.79 -8.80
C GLN B 45 -25.65 37.05 -8.16
N CYS B 46 -26.62 37.41 -8.98
CA CYS B 46 -27.96 37.69 -8.49
C CYS B 46 -28.98 37.00 -9.40
N ARG B 47 -28.59 35.86 -9.96
CA ARG B 47 -29.44 35.10 -10.85
C ARG B 47 -30.13 35.98 -11.92
N ARG B 48 -29.76 37.25 -11.97
CA ARG B 48 -30.34 38.17 -12.95
C ARG B 48 -29.61 38.09 -14.29
N LEU B 49 -29.71 36.94 -14.94
CA LEU B 49 -29.05 36.67 -16.22
C LEU B 49 -29.29 37.70 -17.33
N ASP B 50 -30.55 37.97 -17.65
CA ASP B 50 -30.87 38.93 -18.69
C ASP B 50 -30.10 40.24 -18.54
N ARG B 51 -30.16 40.83 -17.35
CA ARG B 51 -29.45 42.07 -17.10
C ARG B 51 -27.93 41.87 -17.18
N SER B 52 -27.52 40.60 -17.04
CA SER B 52 -26.11 40.23 -17.09
C SER B 52 -25.64 40.14 -18.53
N ALA B 53 -26.42 39.46 -19.37
CA ALA B 53 -26.08 39.31 -20.77
C ALA B 53 -26.25 40.66 -21.47
N HIS B 54 -27.09 41.51 -20.91
CA HIS B 54 -27.34 42.83 -21.49
C HIS B 54 -26.07 43.68 -21.40
N PHE B 55 -25.54 43.81 -20.19
CA PHE B 55 -24.33 44.59 -19.98
C PHE B 55 -23.12 43.96 -20.63
N SER B 56 -23.20 42.66 -20.89
CA SER B 56 -22.10 41.94 -21.52
C SER B 56 -22.11 42.33 -22.98
N THR B 57 -23.31 42.52 -23.52
CA THR B 57 -23.48 42.92 -24.89
C THR B 57 -23.08 44.39 -25.05
N LEU B 58 -23.35 45.22 -24.06
CA LEU B 58 -22.97 46.63 -24.14
C LEU B 58 -21.45 46.72 -24.24
N ALA B 59 -20.76 45.85 -23.53
CA ALA B 59 -19.31 45.79 -23.50
C ALA B 59 -18.74 45.47 -24.89
N ILE B 60 -19.38 44.50 -25.55
CA ILE B 60 -18.96 44.09 -26.88
C ILE B 60 -19.28 45.17 -27.92
N LYS B 61 -20.44 45.80 -27.79
CA LYS B 61 -20.84 46.85 -28.73
C LYS B 61 -19.94 48.06 -28.54
N GLN B 62 -19.04 48.00 -27.58
CA GLN B 62 -18.12 49.11 -27.35
C GLN B 62 -16.72 48.64 -27.62
N ASN B 63 -16.56 47.34 -27.81
CA ASN B 63 -15.23 46.78 -28.04
C ASN B 63 -15.36 45.28 -28.27
N PRO B 64 -15.50 44.86 -29.53
CA PRO B 64 -15.64 43.46 -29.96
C PRO B 64 -14.44 42.58 -29.73
N LEU B 65 -13.44 43.10 -29.04
CA LEU B 65 -12.25 42.31 -28.82
C LEU B 65 -12.00 42.02 -27.35
N LEU B 66 -13.09 41.99 -26.58
CA LEU B 66 -13.04 41.70 -25.14
C LEU B 66 -13.29 40.23 -24.93
N ALA B 67 -12.24 39.51 -24.56
CA ALA B 67 -12.36 38.09 -24.35
C ALA B 67 -13.36 37.78 -23.22
N GLU B 68 -13.30 38.55 -22.15
CA GLU B 68 -14.16 38.36 -20.99
C GLU B 68 -15.65 38.45 -21.31
N ALA B 69 -16.04 39.50 -22.01
CA ALA B 69 -17.43 39.69 -22.37
C ALA B 69 -18.05 38.50 -23.09
N TYR B 70 -17.28 37.76 -23.86
CA TYR B 70 -17.87 36.62 -24.56
C TYR B 70 -17.90 35.43 -23.62
N SER B 71 -17.08 35.51 -22.57
CA SER B 71 -17.04 34.45 -21.58
C SER B 71 -18.32 34.61 -20.79
N ASN B 72 -18.47 35.79 -20.19
CA ASN B 72 -19.66 36.14 -19.44
C ASN B 72 -20.90 35.74 -20.22
N LEU B 73 -21.02 36.14 -21.47
CA LEU B 73 -22.21 35.73 -22.20
C LEU B 73 -22.24 34.21 -22.21
N GLY B 74 -21.08 33.59 -22.35
CA GLY B 74 -21.03 32.15 -22.39
C GLY B 74 -21.55 31.52 -21.12
N ASN B 75 -21.37 32.22 -20.00
CA ASN B 75 -21.84 31.73 -18.71
C ASN B 75 -23.35 31.87 -18.51
N VAL B 76 -23.92 32.92 -19.07
CA VAL B 76 -25.35 33.12 -18.99
C VAL B 76 -26.01 32.06 -19.86
N TYR B 77 -25.33 31.66 -20.93
CA TYR B 77 -25.88 30.64 -21.83
C TYR B 77 -25.85 29.24 -21.27
N LYS B 78 -24.76 28.90 -20.58
CA LYS B 78 -24.59 27.56 -20.02
C LYS B 78 -25.71 27.24 -19.04
N GLU B 79 -26.03 28.19 -18.17
CA GLU B 79 -27.09 27.98 -17.20
C GLU B 79 -28.44 27.76 -17.86
N ARG B 80 -28.79 28.61 -18.81
CA ARG B 80 -30.04 28.42 -19.49
C ARG B 80 -29.96 27.09 -20.26
N GLY B 81 -28.94 26.30 -19.95
CA GLY B 81 -28.75 25.01 -20.61
C GLY B 81 -28.53 25.08 -22.11
N GLN B 82 -28.30 26.30 -22.62
CA GLN B 82 -28.04 26.50 -24.04
C GLN B 82 -26.55 26.27 -24.29
N LEU B 83 -26.17 25.00 -24.37
CA LEU B 83 -24.78 24.59 -24.54
C LEU B 83 -24.04 24.95 -25.82
N GLN B 84 -24.70 24.82 -26.97
CA GLN B 84 -24.03 25.16 -28.22
C GLN B 84 -23.58 26.61 -28.21
N GLU B 85 -24.49 27.50 -27.84
CA GLU B 85 -24.18 28.92 -27.80
C GLU B 85 -23.13 29.25 -26.72
N ALA B 86 -23.17 28.54 -25.60
CA ALA B 86 -22.19 28.78 -24.53
C ALA B 86 -20.80 28.46 -25.08
N ILE B 87 -20.72 27.32 -25.76
CA ILE B 87 -19.48 26.85 -26.37
C ILE B 87 -19.00 27.81 -27.45
N GLU B 88 -19.90 28.18 -28.35
CA GLU B 88 -19.57 29.11 -29.40
C GLU B 88 -18.93 30.36 -28.85
N HIS B 89 -19.45 30.86 -27.74
CA HIS B 89 -18.92 32.08 -27.15
C HIS B 89 -17.60 31.87 -26.43
N TYR B 90 -17.43 30.69 -25.86
CA TYR B 90 -16.22 30.38 -25.12
C TYR B 90 -15.04 30.25 -26.07
N ARG B 91 -15.31 29.65 -27.23
CA ARG B 91 -14.29 29.43 -28.24
C ARG B 91 -13.77 30.74 -28.84
N HIS B 92 -14.68 31.70 -29.00
CA HIS B 92 -14.30 32.99 -29.53
C HIS B 92 -13.44 33.66 -28.49
N ALA B 93 -14.01 33.88 -27.31
CA ALA B 93 -13.28 34.51 -26.22
C ALA B 93 -11.86 33.91 -26.05
N LEU B 94 -11.70 32.67 -26.50
CA LEU B 94 -10.40 32.00 -26.40
C LEU B 94 -9.54 32.28 -27.62
N ARG B 95 -10.21 32.69 -28.70
CA ARG B 95 -9.53 33.04 -29.93
C ARG B 95 -8.94 34.42 -29.65
N LEU B 96 -9.74 35.30 -29.08
CA LEU B 96 -9.29 36.65 -28.75
C LEU B 96 -8.19 36.63 -27.72
N LYS B 97 -8.18 35.60 -26.88
CA LYS B 97 -7.20 35.48 -25.82
C LYS B 97 -6.99 34.01 -25.52
N PRO B 98 -5.92 33.41 -26.06
CA PRO B 98 -5.58 32.01 -25.86
C PRO B 98 -5.13 31.64 -24.45
N ASP B 99 -4.76 32.65 -23.66
CA ASP B 99 -4.30 32.41 -22.30
C ASP B 99 -5.35 32.69 -21.23
N PHE B 100 -6.61 32.74 -21.64
CA PHE B 100 -7.73 32.97 -20.73
C PHE B 100 -8.06 31.65 -20.03
N ILE B 101 -7.44 31.38 -18.89
CA ILE B 101 -7.68 30.13 -18.18
C ILE B 101 -9.15 29.85 -17.85
N ASP B 102 -9.82 30.84 -17.29
CA ASP B 102 -11.22 30.70 -16.93
C ASP B 102 -12.10 30.24 -18.08
N GLY B 103 -11.76 30.66 -19.29
CA GLY B 103 -12.55 30.27 -20.45
C GLY B 103 -12.35 28.79 -20.73
N TYR B 104 -11.11 28.32 -20.59
CA TYR B 104 -10.81 26.93 -20.84
C TYR B 104 -11.62 26.05 -19.90
N ILE B 105 -11.70 26.50 -18.65
CA ILE B 105 -12.46 25.79 -17.61
C ILE B 105 -13.96 25.84 -17.87
N ASN B 106 -14.47 27.03 -18.13
CA ASN B 106 -15.88 27.12 -18.41
C ASN B 106 -16.19 26.20 -19.56
N LEU B 107 -15.40 26.33 -20.64
CA LEU B 107 -15.59 25.52 -21.83
C LEU B 107 -15.52 24.02 -21.58
N ALA B 108 -14.55 23.58 -20.77
CA ALA B 108 -14.47 22.16 -20.48
C ALA B 108 -15.83 21.72 -19.96
N ALA B 109 -16.34 22.49 -18.98
CA ALA B 109 -17.64 22.27 -18.35
C ALA B 109 -18.72 22.07 -19.38
N ALA B 110 -18.99 23.11 -20.17
CA ALA B 110 -20.00 23.01 -21.20
C ALA B 110 -19.75 21.87 -22.15
N LEU B 111 -18.48 21.64 -22.50
CA LEU B 111 -18.16 20.58 -23.43
C LEU B 111 -18.61 19.24 -22.91
N VAL B 112 -18.22 18.89 -21.69
CA VAL B 112 -18.63 17.62 -21.10
C VAL B 112 -20.14 17.57 -21.05
N ALA B 113 -20.74 18.63 -20.52
CA ALA B 113 -22.20 18.70 -20.43
C ALA B 113 -22.82 18.46 -21.81
N ALA B 114 -22.14 18.88 -22.86
CA ALA B 114 -22.64 18.73 -24.21
C ALA B 114 -22.27 17.39 -24.83
N GLY B 115 -21.54 16.56 -24.08
CA GLY B 115 -21.17 15.26 -24.60
C GLY B 115 -19.73 15.09 -25.04
N ASP B 116 -19.14 16.15 -25.60
CA ASP B 116 -17.76 16.10 -26.08
C ASP B 116 -16.74 15.93 -24.97
N MET B 117 -16.35 14.69 -24.72
CA MET B 117 -15.40 14.39 -23.67
C MET B 117 -13.98 14.70 -24.09
N GLU B 118 -13.67 14.42 -25.35
CA GLU B 118 -12.33 14.66 -25.86
C GLU B 118 -12.00 16.14 -25.85
N GLY B 119 -12.90 16.96 -26.35
CA GLY B 119 -12.64 18.38 -26.37
C GLY B 119 -12.38 18.88 -24.97
N ALA B 120 -13.26 18.48 -24.05
CA ALA B 120 -13.16 18.87 -22.66
C ALA B 120 -11.74 18.63 -22.14
N VAL B 121 -11.21 17.42 -22.34
CA VAL B 121 -9.87 17.15 -21.85
C VAL B 121 -8.80 17.98 -22.58
N GLN B 122 -9.05 18.31 -23.84
CA GLN B 122 -8.09 19.14 -24.58
C GLN B 122 -8.07 20.51 -23.92
N ALA B 123 -9.24 20.97 -23.47
CA ALA B 123 -9.34 22.27 -22.81
C ALA B 123 -8.63 22.31 -21.45
N TYR B 124 -8.66 21.18 -20.73
CA TYR B 124 -8.02 21.08 -19.42
C TYR B 124 -6.53 21.07 -19.56
N VAL B 125 -6.04 20.40 -20.60
CA VAL B 125 -4.60 20.36 -20.83
C VAL B 125 -4.12 21.79 -21.15
N SER B 126 -4.86 22.49 -22.01
CA SER B 126 -4.47 23.86 -22.32
C SER B 126 -4.42 24.59 -20.98
N ALA B 127 -5.57 24.63 -20.31
CA ALA B 127 -5.70 25.28 -19.02
C ALA B 127 -4.53 24.94 -18.09
N LEU B 128 -4.19 23.67 -18.01
CA LEU B 128 -3.08 23.30 -17.14
C LEU B 128 -1.74 23.77 -17.66
N GLN B 129 -1.63 23.86 -19.00
CA GLN B 129 -0.41 24.33 -19.67
C GLN B 129 -0.09 25.73 -19.17
N TYR B 130 -1.10 26.59 -19.18
CA TYR B 130 -0.90 27.95 -18.71
C TYR B 130 -0.78 28.05 -17.19
N ASN B 131 -1.37 27.11 -16.46
CA ASN B 131 -1.29 27.18 -15.00
C ASN B 131 -1.30 25.78 -14.37
N PRO B 132 -0.13 25.13 -14.32
CA PRO B 132 -0.01 23.78 -13.73
C PRO B 132 -0.29 23.70 -12.23
N ASP B 133 -0.61 24.83 -11.61
CA ASP B 133 -0.88 24.84 -10.17
C ASP B 133 -2.33 24.62 -9.77
N LEU B 134 -3.22 24.68 -10.74
CA LEU B 134 -4.62 24.46 -10.49
C LEU B 134 -4.82 22.98 -10.21
N TYR B 135 -4.43 22.52 -9.02
CA TYR B 135 -4.56 21.11 -8.67
C TYR B 135 -5.98 20.55 -8.79
N CYS B 136 -6.99 21.38 -8.54
CA CYS B 136 -8.38 20.94 -8.65
C CYS B 136 -8.69 20.58 -10.10
N VAL B 137 -8.24 21.42 -11.02
CA VAL B 137 -8.44 21.16 -12.44
C VAL B 137 -7.73 19.85 -12.82
N ARG B 138 -6.52 19.64 -12.31
CA ARG B 138 -5.81 18.40 -12.60
C ARG B 138 -6.77 17.27 -12.28
N SER B 139 -7.25 17.28 -11.04
CA SER B 139 -8.18 16.28 -10.51
C SER B 139 -9.37 16.07 -11.42
N ASP B 140 -10.05 17.16 -11.75
CA ASP B 140 -11.22 17.09 -12.64
C ASP B 140 -10.85 16.40 -13.94
N LEU B 141 -9.69 16.77 -14.48
CA LEU B 141 -9.17 16.18 -15.70
C LEU B 141 -9.04 14.69 -15.43
N GLY B 142 -8.30 14.35 -14.37
CA GLY B 142 -8.12 12.97 -14.02
C GLY B 142 -9.45 12.23 -14.03
N ASN B 143 -10.50 12.86 -13.53
CA ASN B 143 -11.81 12.23 -13.49
C ASN B 143 -12.29 11.89 -14.91
N LEU B 144 -12.20 12.86 -15.82
CA LEU B 144 -12.61 12.64 -17.20
C LEU B 144 -11.83 11.50 -17.81
N LEU B 145 -10.54 11.45 -17.53
CA LEU B 145 -9.72 10.39 -18.07
C LEU B 145 -10.28 9.06 -17.56
N LYS B 146 -10.39 8.92 -16.25
CA LYS B 146 -10.93 7.71 -15.63
C LYS B 146 -12.27 7.39 -16.29
N ALA B 147 -13.13 8.40 -16.41
CA ALA B 147 -14.43 8.22 -17.04
C ALA B 147 -14.29 7.60 -18.44
N LEU B 148 -13.16 7.86 -19.10
CA LEU B 148 -12.96 7.32 -20.45
C LEU B 148 -12.15 6.05 -20.48
N GLY B 149 -11.72 5.58 -19.32
CA GLY B 149 -10.96 4.34 -19.28
C GLY B 149 -9.45 4.50 -19.21
N ARG B 150 -8.95 5.72 -19.37
CA ARG B 150 -7.52 5.94 -19.30
C ARG B 150 -7.12 6.07 -17.84
N LEU B 151 -7.11 4.94 -17.14
CA LEU B 151 -6.75 4.93 -15.73
C LEU B 151 -5.33 5.40 -15.46
N GLU B 152 -4.38 4.90 -16.25
CA GLU B 152 -2.99 5.27 -16.07
C GLU B 152 -2.76 6.77 -16.26
N GLU B 153 -3.55 7.38 -17.15
CA GLU B 153 -3.45 8.81 -17.41
C GLU B 153 -4.10 9.53 -16.25
N ALA B 154 -5.22 8.95 -15.77
CA ALA B 154 -5.96 9.47 -14.61
C ALA B 154 -5.02 9.36 -13.40
N LYS B 155 -4.49 8.17 -13.19
CA LYS B 155 -3.55 7.97 -12.10
C LYS B 155 -2.50 9.06 -12.08
N ALA B 156 -2.13 9.58 -13.26
CA ALA B 156 -1.11 10.61 -13.33
C ALA B 156 -1.61 11.98 -12.91
N CYS B 157 -2.82 12.34 -13.33
CA CYS B 157 -3.39 13.64 -12.95
C CYS B 157 -3.54 13.68 -11.40
N TYR B 158 -4.08 12.60 -10.86
CA TYR B 158 -4.26 12.52 -9.41
C TYR B 158 -2.92 12.70 -8.71
N LEU B 159 -1.94 11.85 -9.04
CA LEU B 159 -0.59 11.94 -8.44
C LEU B 159 0.01 13.35 -8.60
N LYS B 160 -0.24 13.95 -9.75
CA LYS B 160 0.30 15.26 -10.02
C LYS B 160 -0.39 16.27 -9.11
N ALA B 161 -1.71 16.11 -8.96
CA ALA B 161 -2.53 16.98 -8.12
C ALA B 161 -2.05 16.86 -6.69
N ILE B 162 -1.91 15.63 -6.22
CA ILE B 162 -1.42 15.40 -4.87
C ILE B 162 -0.05 16.05 -4.71
N GLU B 163 0.79 15.91 -5.73
CA GLU B 163 2.13 16.48 -5.71
C GLU B 163 2.08 18.01 -5.57
N THR B 164 1.18 18.63 -6.33
CA THR B 164 0.98 20.08 -6.30
C THR B 164 0.38 20.58 -4.98
N GLN B 165 -0.44 19.74 -4.37
CA GLN B 165 -1.11 20.06 -3.10
C GLN B 165 -1.20 18.79 -2.27
N PRO B 166 -0.11 18.45 -1.55
CA PRO B 166 -0.03 17.26 -0.70
C PRO B 166 -1.28 17.05 0.16
N ASN B 167 -1.76 18.14 0.77
CA ASN B 167 -2.94 18.10 1.63
C ASN B 167 -4.19 18.31 0.76
N PHE B 168 -4.70 17.22 0.19
CA PHE B 168 -5.88 17.29 -0.67
C PHE B 168 -6.52 15.91 -0.77
N ALA B 169 -7.37 15.59 0.20
CA ALA B 169 -8.01 14.29 0.27
C ALA B 169 -8.73 13.80 -0.98
N VAL B 170 -9.48 14.67 -1.63
CA VAL B 170 -10.22 14.27 -2.83
C VAL B 170 -9.33 13.44 -3.75
N ALA B 171 -8.15 14.01 -4.04
CA ALA B 171 -7.12 13.42 -4.90
C ALA B 171 -6.85 11.97 -4.53
N TRP B 172 -6.31 11.79 -3.32
CA TRP B 172 -5.99 10.46 -2.82
C TRP B 172 -7.15 9.49 -2.93
N SER B 173 -8.35 9.98 -2.65
CA SER B 173 -9.51 9.09 -2.70
C SER B 173 -9.76 8.67 -4.14
N ASN B 174 -9.63 9.62 -5.07
CA ASN B 174 -9.82 9.30 -6.49
C ASN B 174 -8.71 8.39 -6.95
N LEU B 175 -7.48 8.71 -6.53
CA LEU B 175 -6.32 7.91 -6.87
C LEU B 175 -6.51 6.49 -6.32
N GLY B 176 -7.17 6.41 -5.16
CA GLY B 176 -7.40 5.12 -4.51
C GLY B 176 -8.42 4.31 -5.27
N CYS B 177 -9.30 4.98 -5.98
CA CYS B 177 -10.33 4.30 -6.74
C CYS B 177 -9.78 3.74 -8.03
N VAL B 178 -8.73 4.39 -8.54
CA VAL B 178 -8.10 3.94 -9.77
C VAL B 178 -7.45 2.61 -9.42
N PHE B 179 -6.63 2.61 -8.38
CA PHE B 179 -5.95 1.39 -7.97
C PHE B 179 -6.95 0.26 -7.75
N ASN B 180 -8.06 0.56 -7.08
CA ASN B 180 -9.08 -0.46 -6.82
C ASN B 180 -9.57 -1.10 -8.11
N ALA B 181 -9.91 -0.27 -9.09
CA ALA B 181 -10.38 -0.80 -10.37
C ALA B 181 -9.28 -1.63 -11.02
N GLN B 182 -8.04 -1.41 -10.60
CA GLN B 182 -6.91 -2.13 -11.15
C GLN B 182 -6.62 -3.40 -10.36
N GLY B 183 -7.40 -3.67 -9.33
CA GLY B 183 -7.16 -4.86 -8.54
C GLY B 183 -6.01 -4.66 -7.58
N GLU B 184 -5.50 -3.44 -7.51
CA GLU B 184 -4.40 -3.13 -6.62
C GLU B 184 -4.92 -2.75 -5.23
N ILE B 185 -5.58 -3.71 -4.61
CA ILE B 185 -6.19 -3.58 -3.29
C ILE B 185 -5.37 -2.85 -2.22
N TRP B 186 -4.20 -3.36 -1.91
CA TRP B 186 -3.38 -2.75 -0.87
C TRP B 186 -3.13 -1.27 -1.14
N LEU B 187 -3.04 -0.90 -2.41
CA LEU B 187 -2.80 0.49 -2.76
C LEU B 187 -4.03 1.36 -2.54
N ALA B 188 -5.21 0.82 -2.87
CA ALA B 188 -6.47 1.53 -2.69
C ALA B 188 -6.63 1.83 -1.21
N ILE B 189 -6.56 0.78 -0.40
CA ILE B 189 -6.65 0.88 1.04
C ILE B 189 -5.74 1.98 1.56
N HIS B 190 -4.50 1.98 1.08
CA HIS B 190 -3.52 2.96 1.49
C HIS B 190 -3.93 4.40 1.19
N HIS B 191 -4.57 4.63 0.05
CA HIS B 191 -4.94 5.98 -0.32
C HIS B 191 -6.16 6.45 0.40
N PHE B 192 -7.12 5.55 0.51
CA PHE B 192 -8.36 5.80 1.23
C PHE B 192 -7.98 6.16 2.67
N GLU B 193 -7.23 5.28 3.32
CA GLU B 193 -6.80 5.53 4.68
C GLU B 193 -6.13 6.90 4.76
N LYS B 194 -5.45 7.27 3.70
CA LYS B 194 -4.73 8.53 3.66
C LYS B 194 -5.75 9.66 3.45
N ALA B 195 -6.70 9.42 2.56
CA ALA B 195 -7.75 10.39 2.26
C ALA B 195 -8.40 10.77 3.56
N VAL B 196 -8.88 9.74 4.25
CA VAL B 196 -9.54 9.84 5.53
C VAL B 196 -8.67 10.50 6.60
N THR B 197 -7.44 10.03 6.74
CA THR B 197 -6.55 10.62 7.72
C THR B 197 -6.43 12.12 7.47
N LEU B 198 -6.70 12.55 6.24
CA LEU B 198 -6.60 13.97 5.89
C LEU B 198 -7.87 14.74 6.21
N ASP B 199 -9.02 14.15 5.90
CA ASP B 199 -10.28 14.79 6.17
C ASP B 199 -11.19 13.75 6.79
N PRO B 200 -11.17 13.63 8.14
CA PRO B 200 -11.95 12.69 8.96
C PRO B 200 -13.43 12.62 8.61
N ASN B 201 -13.93 13.73 8.10
CA ASN B 201 -15.33 13.87 7.72
C ASN B 201 -15.63 13.45 6.31
N PHE B 202 -14.64 12.86 5.67
CA PHE B 202 -14.76 12.41 4.29
C PHE B 202 -15.68 11.22 4.20
N LEU B 203 -16.98 11.45 4.06
CA LEU B 203 -17.91 10.35 3.97
C LEU B 203 -17.39 9.28 3.02
N ASP B 204 -17.61 9.46 1.73
CA ASP B 204 -17.20 8.50 0.70
C ASP B 204 -15.85 7.82 0.83
N ALA B 205 -14.90 8.50 1.46
CA ALA B 205 -13.60 7.89 1.67
C ALA B 205 -13.84 6.64 2.52
N TYR B 206 -14.62 6.82 3.60
CA TYR B 206 -14.97 5.74 4.52
C TYR B 206 -15.79 4.63 3.88
N ILE B 207 -16.67 4.98 2.96
CA ILE B 207 -17.49 3.97 2.30
C ILE B 207 -16.62 3.13 1.37
N ASN B 208 -15.75 3.82 0.62
CA ASN B 208 -14.85 3.15 -0.31
C ASN B 208 -13.83 2.30 0.42
N LEU B 209 -13.30 2.84 1.51
CA LEU B 209 -12.35 2.10 2.30
C LEU B 209 -12.96 0.80 2.76
N GLY B 210 -14.19 0.88 3.27
CA GLY B 210 -14.89 -0.29 3.76
C GLY B 210 -15.15 -1.30 2.67
N ASN B 211 -15.48 -0.80 1.49
CA ASN B 211 -15.74 -1.67 0.34
C ASN B 211 -14.53 -2.51 -0.09
N VAL B 212 -13.34 -1.92 -0.03
CA VAL B 212 -12.14 -2.66 -0.43
C VAL B 212 -11.77 -3.69 0.62
N LEU B 213 -11.78 -3.28 1.90
CA LEU B 213 -11.46 -4.19 3.01
C LEU B 213 -12.48 -5.32 3.02
N LYS B 214 -13.68 -5.02 2.52
CA LYS B 214 -14.72 -6.03 2.45
C LYS B 214 -14.24 -7.06 1.44
N GLU B 215 -13.97 -6.63 0.21
CA GLU B 215 -13.50 -7.49 -0.87
C GLU B 215 -12.22 -8.24 -0.50
N ALA B 216 -11.34 -7.57 0.24
CA ALA B 216 -10.09 -8.15 0.71
C ALA B 216 -10.37 -9.17 1.80
N ARG B 217 -11.62 -9.15 2.31
CA ARG B 217 -12.07 -10.05 3.37
C ARG B 217 -11.56 -9.62 4.75
N ILE B 218 -11.14 -8.37 4.89
CA ILE B 218 -10.62 -7.91 6.18
C ILE B 218 -11.76 -7.21 6.91
N PHE B 219 -12.72 -8.04 7.30
CA PHE B 219 -13.95 -7.66 7.99
C PHE B 219 -13.95 -6.77 9.25
N ASP B 220 -13.14 -7.08 10.27
CA ASP B 220 -13.17 -6.19 11.42
C ASP B 220 -12.87 -4.79 10.92
N ARG B 221 -11.81 -4.64 10.14
CA ARG B 221 -11.41 -3.34 9.57
C ARG B 221 -12.50 -2.82 8.63
N ALA B 222 -13.07 -3.72 7.85
CA ALA B 222 -14.11 -3.35 6.91
C ALA B 222 -15.30 -2.76 7.68
N VAL B 223 -15.56 -3.33 8.85
CA VAL B 223 -16.65 -2.86 9.69
C VAL B 223 -16.36 -1.49 10.27
N ALA B 224 -15.32 -1.41 11.08
CA ALA B 224 -14.94 -0.17 11.73
C ALA B 224 -15.05 1.05 10.83
N ALA B 225 -14.93 0.81 9.53
CA ALA B 225 -14.98 1.88 8.53
C ALA B 225 -16.40 2.21 8.11
N TYR B 226 -17.20 1.17 7.92
CA TYR B 226 -18.60 1.32 7.55
C TYR B 226 -19.29 2.07 8.69
N LEU B 227 -19.04 1.65 9.93
CA LEU B 227 -19.64 2.31 11.07
C LEU B 227 -19.28 3.78 11.03
N ARG B 228 -17.99 4.08 10.96
CA ARG B 228 -17.55 5.46 10.92
C ARG B 228 -18.22 6.22 9.78
N ALA B 229 -18.64 5.50 8.75
CA ALA B 229 -19.30 6.14 7.63
C ALA B 229 -20.70 6.53 8.07
N LEU B 230 -21.42 5.55 8.62
CA LEU B 230 -22.79 5.75 9.11
C LEU B 230 -22.87 6.87 10.16
N SER B 231 -21.87 6.99 11.01
CA SER B 231 -21.88 8.04 12.01
C SER B 231 -21.87 9.38 11.27
N LEU B 232 -21.25 9.40 10.10
CA LEU B 232 -21.19 10.63 9.32
C LEU B 232 -22.46 10.80 8.51
N SER B 233 -23.17 9.69 8.29
CA SER B 233 -24.40 9.70 7.51
C SER B 233 -25.30 8.54 7.95
N PRO B 234 -25.98 8.68 9.11
CA PRO B 234 -26.87 7.67 9.69
C PRO B 234 -27.93 7.11 8.76
N ASN B 235 -28.14 7.75 7.62
CA ASN B 235 -29.17 7.31 6.70
C ASN B 235 -28.70 6.51 5.48
N HIS B 236 -27.40 6.45 5.24
CA HIS B 236 -26.92 5.75 4.05
C HIS B 236 -27.44 4.32 3.94
N ALA B 237 -28.38 4.13 3.03
CA ALA B 237 -29.02 2.84 2.80
C ALA B 237 -28.11 1.71 2.33
N VAL B 238 -27.24 2.03 1.37
CA VAL B 238 -26.34 1.02 0.83
C VAL B 238 -25.31 0.54 1.86
N VAL B 239 -24.73 1.48 2.60
CA VAL B 239 -23.74 1.11 3.61
C VAL B 239 -24.30 0.01 4.50
N HIS B 240 -25.54 0.18 4.95
CA HIS B 240 -26.17 -0.81 5.81
C HIS B 240 -26.11 -2.18 5.15
N GLY B 241 -26.70 -2.29 3.97
CA GLY B 241 -26.73 -3.56 3.25
C GLY B 241 -25.37 -4.20 3.08
N ASN B 242 -24.32 -3.39 3.14
CA ASN B 242 -22.96 -3.89 3.00
C ASN B 242 -22.43 -4.27 4.35
N LEU B 243 -22.63 -3.40 5.33
CA LEU B 243 -22.17 -3.65 6.69
C LEU B 243 -22.77 -4.97 7.15
N ALA B 244 -24.06 -5.12 6.89
CA ALA B 244 -24.78 -6.32 7.25
C ALA B 244 -24.06 -7.53 6.66
N CYS B 245 -23.71 -7.42 5.38
CA CYS B 245 -23.04 -8.51 4.67
C CYS B 245 -21.77 -8.98 5.37
N VAL B 246 -21.00 -8.03 5.91
CA VAL B 246 -19.76 -8.36 6.62
C VAL B 246 -20.11 -9.05 7.94
N TYR B 247 -21.30 -8.74 8.47
CA TYR B 247 -21.78 -9.34 9.72
C TYR B 247 -22.19 -10.78 9.42
N TYR B 248 -22.88 -10.99 8.31
CA TYR B 248 -23.30 -12.33 7.95
C TYR B 248 -22.11 -13.21 7.62
N GLU B 249 -21.07 -12.63 7.03
CA GLU B 249 -19.87 -13.42 6.72
C GLU B 249 -19.11 -13.68 8.01
N GLN B 250 -19.03 -12.65 8.84
CA GLN B 250 -18.34 -12.73 10.12
C GLN B 250 -18.93 -13.83 11.00
N GLY B 251 -20.17 -14.21 10.72
CA GLY B 251 -20.80 -15.25 11.51
C GLY B 251 -21.85 -14.72 12.48
N LEU B 252 -22.46 -13.59 12.16
CA LEU B 252 -23.51 -13.04 13.00
C LEU B 252 -24.79 -13.01 12.19
N ILE B 253 -25.26 -14.20 11.81
CA ILE B 253 -26.47 -14.35 11.01
C ILE B 253 -27.65 -13.58 11.58
N ASP B 254 -27.63 -13.31 12.88
CA ASP B 254 -28.70 -12.58 13.54
C ASP B 254 -28.65 -11.09 13.21
N LEU B 255 -27.53 -10.45 13.54
CA LEU B 255 -27.37 -9.02 13.30
C LEU B 255 -27.51 -8.68 11.82
N ALA B 256 -27.26 -9.68 10.98
CA ALA B 256 -27.38 -9.53 9.54
C ALA B 256 -28.88 -9.35 9.27
N ILE B 257 -29.67 -10.29 9.77
CA ILE B 257 -31.13 -10.27 9.62
C ILE B 257 -31.66 -8.93 10.12
N ASP B 258 -31.08 -8.48 11.23
CA ASP B 258 -31.46 -7.21 11.82
C ASP B 258 -31.10 -6.05 10.90
N THR B 259 -29.82 -5.95 10.58
CA THR B 259 -29.31 -4.87 9.73
C THR B 259 -29.74 -4.94 8.29
N TYR B 260 -29.93 -6.15 7.75
CA TYR B 260 -30.37 -6.30 6.37
C TYR B 260 -31.75 -5.65 6.21
N ARG B 261 -32.63 -5.89 7.17
CA ARG B 261 -33.98 -5.32 7.14
C ARG B 261 -33.93 -3.80 7.18
N ARG B 262 -33.36 -3.24 8.25
CA ARG B 262 -33.24 -1.80 8.42
C ARG B 262 -32.78 -1.14 7.13
N ALA B 263 -31.88 -1.82 6.42
CA ALA B 263 -31.36 -1.31 5.16
C ALA B 263 -32.53 -1.13 4.21
N ILE B 264 -33.35 -2.16 4.10
CA ILE B 264 -34.52 -2.14 3.23
C ILE B 264 -35.41 -0.93 3.54
N GLU B 265 -35.61 -0.66 4.83
CA GLU B 265 -36.43 0.47 5.23
C GLU B 265 -35.90 1.75 4.58
N LEU B 266 -34.58 1.90 4.58
CA LEU B 266 -33.93 3.07 4.00
C LEU B 266 -34.23 3.21 2.52
N GLN B 267 -34.52 2.09 1.87
CA GLN B 267 -34.80 2.08 0.44
C GLN B 267 -35.34 0.71 0.01
N PRO B 268 -36.67 0.51 0.12
CA PRO B 268 -37.35 -0.74 -0.23
C PRO B 268 -37.08 -1.23 -1.66
N HIS B 269 -35.99 -0.75 -2.24
CA HIS B 269 -35.60 -1.14 -3.59
C HIS B 269 -34.49 -2.19 -3.55
N PHE B 270 -33.52 -2.00 -2.65
CA PHE B 270 -32.39 -2.91 -2.50
C PHE B 270 -32.81 -4.37 -2.66
N PRO B 271 -32.77 -4.90 -3.89
CA PRO B 271 -33.16 -6.29 -4.14
C PRO B 271 -32.17 -7.24 -3.47
N ASP B 272 -30.89 -6.97 -3.67
CA ASP B 272 -29.83 -7.78 -3.08
C ASP B 272 -30.06 -7.91 -1.58
N ALA B 273 -30.54 -6.83 -0.97
CA ALA B 273 -30.80 -6.80 0.47
C ALA B 273 -31.85 -7.81 0.93
N TYR B 274 -32.85 -8.06 0.09
CA TYR B 274 -33.91 -8.98 0.44
C TYR B 274 -33.44 -10.43 0.37
N CYS B 275 -32.92 -10.82 -0.79
CA CYS B 275 -32.43 -12.18 -1.00
C CYS B 275 -31.30 -12.53 -0.03
N ASN B 276 -30.49 -11.53 0.31
CA ASN B 276 -29.40 -11.77 1.25
C ASN B 276 -30.01 -12.13 2.58
N LEU B 277 -31.16 -11.51 2.88
CA LEU B 277 -31.87 -11.76 4.13
C LEU B 277 -32.56 -13.13 4.08
N ALA B 278 -32.87 -13.58 2.87
CA ALA B 278 -33.52 -14.88 2.65
C ALA B 278 -32.52 -15.99 2.97
N ASN B 279 -31.29 -15.81 2.51
CA ASN B 279 -30.24 -16.80 2.75
C ASN B 279 -29.85 -16.77 4.22
N ALA B 280 -29.99 -15.60 4.84
CA ALA B 280 -29.67 -15.43 6.25
C ALA B 280 -30.75 -16.10 7.10
N LEU B 281 -31.97 -16.11 6.58
CA LEU B 281 -33.11 -16.71 7.27
C LEU B 281 -32.98 -18.24 7.23
N LYS B 282 -32.56 -18.76 6.08
CA LYS B 282 -32.37 -20.20 5.93
C LYS B 282 -31.43 -20.75 7.00
N GLU B 283 -30.36 -19.99 7.28
CA GLU B 283 -29.39 -20.39 8.28
C GLU B 283 -30.00 -20.29 9.67
N LYS B 284 -30.76 -19.20 9.90
CA LYS B 284 -31.42 -18.96 11.17
C LYS B 284 -32.38 -20.09 11.49
N GLY B 285 -32.92 -20.72 10.44
CA GLY B 285 -33.85 -21.82 10.62
C GLY B 285 -35.29 -21.50 10.28
N SER B 286 -35.50 -20.65 9.27
CA SER B 286 -36.85 -20.28 8.87
C SER B 286 -36.99 -20.28 7.33
N VAL B 287 -37.07 -21.48 6.75
CA VAL B 287 -37.19 -21.64 5.31
C VAL B 287 -38.43 -20.96 4.72
N ALA B 288 -39.52 -21.00 5.47
CA ALA B 288 -40.79 -20.41 5.05
C ALA B 288 -40.68 -18.90 4.82
N GLU B 289 -40.38 -18.16 5.88
CA GLU B 289 -40.24 -16.71 5.79
C GLU B 289 -38.96 -16.32 5.05
N ALA B 290 -38.34 -17.29 4.40
CA ALA B 290 -37.12 -17.05 3.64
C ALA B 290 -37.54 -16.92 2.17
N GLU B 291 -38.33 -17.88 1.73
CA GLU B 291 -38.82 -17.92 0.36
C GLU B 291 -39.63 -16.70 -0.02
N ASP B 292 -40.41 -16.17 0.93
CA ASP B 292 -41.23 -14.99 0.66
C ASP B 292 -40.31 -13.82 0.36
N CYS B 293 -39.26 -13.71 1.16
CA CYS B 293 -38.27 -12.66 1.02
C CYS B 293 -37.63 -12.81 -0.36
N TYR B 294 -37.41 -14.07 -0.74
CA TYR B 294 -36.82 -14.37 -2.04
C TYR B 294 -37.75 -13.80 -3.10
N ASN B 295 -39.04 -14.09 -2.96
CA ASN B 295 -40.05 -13.61 -3.89
C ASN B 295 -40.10 -12.09 -3.87
N THR B 296 -40.20 -11.53 -2.67
CA THR B 296 -40.24 -10.07 -2.52
C THR B 296 -39.18 -9.45 -3.42
N ALA B 297 -37.93 -9.82 -3.19
CA ALA B 297 -36.83 -9.30 -3.99
C ALA B 297 -37.10 -9.60 -5.46
N LEU B 298 -37.25 -10.89 -5.76
CA LEU B 298 -37.52 -11.34 -7.12
C LEU B 298 -38.66 -10.54 -7.75
N ARG B 299 -39.75 -10.44 -7.01
CA ARG B 299 -40.93 -9.72 -7.47
C ARG B 299 -40.64 -8.27 -7.82
N LEU B 300 -39.79 -7.62 -7.02
CA LEU B 300 -39.47 -6.21 -7.26
C LEU B 300 -38.90 -5.95 -8.66
N CYS B 301 -38.22 -6.93 -9.24
CA CYS B 301 -37.65 -6.71 -10.55
C CYS B 301 -37.04 -7.93 -11.22
N PRO B 302 -37.03 -7.94 -12.58
CA PRO B 302 -36.49 -8.98 -13.45
C PRO B 302 -35.01 -8.71 -13.71
N THR B 303 -34.53 -7.62 -13.14
CA THR B 303 -33.15 -7.18 -13.27
C THR B 303 -32.12 -8.31 -13.21
N HIS B 304 -32.10 -9.06 -12.10
CA HIS B 304 -31.15 -10.16 -11.93
C HIS B 304 -31.47 -11.33 -12.88
N ALA B 305 -32.73 -11.42 -13.30
CA ALA B 305 -33.20 -12.45 -14.22
C ALA B 305 -33.30 -13.87 -13.65
N ASP B 306 -32.95 -14.05 -12.38
CA ASP B 306 -33.02 -15.37 -11.75
C ASP B 306 -34.36 -16.00 -12.13
N SER B 307 -35.39 -15.15 -12.19
CA SER B 307 -36.74 -15.57 -12.52
C SER B 307 -36.81 -16.19 -13.91
N TYR B 328 -34.18 -19.77 -18.93
CA TYR B 328 -32.79 -19.97 -18.50
C TYR B 328 -31.81 -19.32 -19.46
N ARG B 329 -31.90 -19.70 -20.74
CA ARG B 329 -31.01 -19.15 -21.76
C ARG B 329 -30.96 -17.65 -21.64
N LYS B 330 -32.11 -17.04 -21.37
CA LYS B 330 -32.18 -15.60 -21.23
C LYS B 330 -31.45 -15.20 -19.95
N ALA B 331 -31.64 -15.98 -18.88
CA ALA B 331 -30.98 -15.72 -17.61
C ALA B 331 -29.48 -15.92 -17.80
N LEU B 332 -29.12 -16.83 -18.69
CA LEU B 332 -27.72 -17.12 -19.00
C LEU B 332 -27.18 -15.94 -19.81
N GLU B 333 -27.99 -15.49 -20.76
CA GLU B 333 -27.64 -14.38 -21.62
C GLU B 333 -27.44 -13.12 -20.77
N VAL B 334 -28.05 -13.12 -19.59
CA VAL B 334 -27.93 -11.99 -18.68
C VAL B 334 -26.79 -12.26 -17.71
N PHE B 335 -26.81 -13.43 -17.08
CA PHE B 335 -25.80 -13.81 -16.12
C PHE B 335 -24.73 -14.69 -16.75
N PRO B 336 -23.53 -14.12 -16.95
CA PRO B 336 -22.42 -14.85 -17.55
C PRO B 336 -21.78 -15.73 -16.46
N GLU B 337 -21.61 -17.01 -16.77
CA GLU B 337 -21.01 -17.93 -15.80
C GLU B 337 -21.93 -18.12 -14.59
N PHE B 338 -23.21 -18.38 -14.82
CA PHE B 338 -24.18 -18.63 -13.73
C PHE B 338 -24.32 -20.14 -13.61
N ALA B 339 -23.27 -20.76 -13.08
CA ALA B 339 -23.19 -22.21 -12.92
C ALA B 339 -24.53 -22.88 -12.70
N ALA B 340 -25.34 -22.29 -11.82
CA ALA B 340 -26.66 -22.82 -11.51
C ALA B 340 -27.49 -23.07 -12.77
N ALA B 341 -27.65 -22.02 -13.58
CA ALA B 341 -28.41 -22.09 -14.82
C ALA B 341 -27.76 -23.03 -15.84
N HIS B 342 -26.44 -22.97 -15.94
CA HIS B 342 -25.72 -23.84 -16.86
C HIS B 342 -26.05 -25.28 -16.55
N SER B 343 -26.33 -25.56 -15.27
CA SER B 343 -26.68 -26.90 -14.82
C SER B 343 -28.14 -27.18 -15.15
N ASN B 344 -29.01 -26.22 -14.85
CA ASN B 344 -30.43 -26.38 -15.14
C ASN B 344 -30.65 -26.57 -16.64
N LEU B 345 -30.19 -25.61 -17.43
CA LEU B 345 -30.32 -25.67 -18.89
C LEU B 345 -29.76 -26.99 -19.43
N ALA B 346 -28.62 -27.41 -18.91
CA ALA B 346 -27.99 -28.63 -19.36
C ALA B 346 -28.83 -29.88 -19.13
N SER B 347 -29.56 -29.92 -18.01
CA SER B 347 -30.39 -31.07 -17.69
C SER B 347 -31.44 -31.29 -18.77
N VAL B 348 -32.20 -30.25 -19.06
CA VAL B 348 -33.25 -30.30 -20.08
C VAL B 348 -32.68 -30.70 -21.43
N LEU B 349 -31.63 -29.98 -21.86
CA LEU B 349 -30.98 -30.24 -23.14
C LEU B 349 -30.47 -31.68 -23.21
N GLN B 350 -30.16 -32.25 -22.05
CA GLN B 350 -29.65 -33.62 -21.96
C GLN B 350 -30.78 -34.64 -22.08
N GLN B 351 -31.87 -34.39 -21.37
CA GLN B 351 -33.04 -35.27 -21.39
C GLN B 351 -33.87 -34.95 -22.63
N GLN B 352 -33.19 -34.58 -23.72
CA GLN B 352 -33.84 -34.24 -24.98
C GLN B 352 -33.01 -34.74 -26.16
N GLY B 353 -32.08 -35.64 -25.89
CA GLY B 353 -31.25 -36.17 -26.95
C GLY B 353 -30.07 -35.26 -27.26
N LYS B 354 -30.13 -34.02 -26.79
CA LYS B 354 -29.07 -33.05 -27.00
C LYS B 354 -28.08 -33.10 -25.84
N LEU B 355 -27.65 -34.32 -25.50
CA LEU B 355 -26.71 -34.54 -24.41
C LEU B 355 -25.34 -33.93 -24.73
N GLN B 356 -24.91 -34.07 -25.99
CA GLN B 356 -23.63 -33.54 -26.42
C GLN B 356 -23.47 -32.05 -26.08
N GLU B 357 -24.56 -31.30 -26.22
CA GLU B 357 -24.54 -29.87 -25.92
C GLU B 357 -24.64 -29.62 -24.43
N ALA B 358 -25.45 -30.43 -23.75
CA ALA B 358 -25.62 -30.31 -22.31
C ALA B 358 -24.28 -30.61 -21.65
N LEU B 359 -23.56 -31.59 -22.19
CA LEU B 359 -22.27 -32.00 -21.68
C LEU B 359 -21.37 -30.77 -21.63
N MET B 360 -21.40 -29.98 -22.69
CA MET B 360 -20.59 -28.77 -22.77
C MET B 360 -21.08 -27.75 -21.75
N HIS B 361 -22.39 -27.77 -21.49
CA HIS B 361 -22.98 -26.85 -20.54
C HIS B 361 -22.61 -27.21 -19.10
N TYR B 362 -22.65 -28.50 -18.79
CA TYR B 362 -22.29 -28.98 -17.47
C TYR B 362 -20.81 -28.67 -17.30
N LYS B 363 -20.01 -29.12 -18.27
CA LYS B 363 -18.57 -28.92 -18.27
C LYS B 363 -18.28 -27.47 -17.90
N GLU B 364 -18.99 -26.56 -18.54
CA GLU B 364 -18.82 -25.14 -18.27
C GLU B 364 -19.30 -24.82 -16.86
N ALA B 365 -20.39 -25.45 -16.44
CA ALA B 365 -20.94 -25.24 -15.10
C ALA B 365 -19.94 -25.70 -14.04
N ILE B 366 -19.27 -26.82 -14.31
CA ILE B 366 -18.28 -27.38 -13.38
C ILE B 366 -16.98 -26.59 -13.43
N ARG B 367 -16.76 -25.89 -14.54
CA ARG B 367 -15.56 -25.08 -14.70
C ARG B 367 -15.79 -23.77 -13.92
N ILE B 368 -17.05 -23.40 -13.79
CA ILE B 368 -17.45 -22.19 -13.07
C ILE B 368 -17.45 -22.48 -11.57
N SER B 369 -18.25 -23.47 -11.19
CA SER B 369 -18.39 -23.89 -9.79
C SER B 369 -17.71 -25.22 -9.55
N PRO B 370 -16.47 -25.21 -9.04
CA PRO B 370 -15.72 -26.44 -8.78
C PRO B 370 -16.40 -27.43 -7.84
N THR B 371 -17.15 -26.92 -6.87
CA THR B 371 -17.83 -27.75 -5.89
C THR B 371 -19.30 -28.02 -6.20
N PHE B 372 -19.65 -28.20 -7.47
CA PHE B 372 -21.04 -28.46 -7.83
C PHE B 372 -21.25 -29.94 -8.02
N ALA B 373 -21.58 -30.62 -6.94
CA ALA B 373 -21.79 -32.06 -6.95
C ALA B 373 -22.77 -32.50 -8.03
N ASP B 374 -24.02 -32.07 -7.91
CA ASP B 374 -25.04 -32.45 -8.88
C ASP B 374 -24.53 -32.33 -10.32
N ALA B 375 -23.63 -31.38 -10.55
CA ALA B 375 -23.07 -31.17 -11.89
C ALA B 375 -22.17 -32.35 -12.32
N TYR B 376 -21.28 -32.80 -11.44
CA TYR B 376 -20.42 -33.93 -11.78
C TYR B 376 -21.31 -35.16 -11.83
N SER B 377 -22.33 -35.18 -10.97
CA SER B 377 -23.26 -36.29 -10.88
C SER B 377 -24.13 -36.36 -12.12
N ASN B 378 -24.53 -35.21 -12.63
CA ASN B 378 -25.36 -35.12 -13.83
C ASN B 378 -24.55 -35.50 -15.07
N MET B 379 -23.36 -34.94 -15.18
CA MET B 379 -22.49 -35.21 -16.32
C MET B 379 -22.03 -36.65 -16.41
N GLY B 380 -21.83 -37.28 -15.27
CA GLY B 380 -21.41 -38.67 -15.27
C GLY B 380 -22.48 -39.49 -15.97
N ASN B 381 -23.73 -39.15 -15.69
CA ASN B 381 -24.86 -39.85 -16.27
C ASN B 381 -24.98 -39.51 -17.76
N THR B 382 -24.84 -38.23 -18.08
CA THR B 382 -24.93 -37.79 -19.47
C THR B 382 -23.87 -38.52 -20.31
N LEU B 383 -22.65 -38.57 -19.79
CA LEU B 383 -21.54 -39.23 -20.49
C LEU B 383 -21.74 -40.74 -20.56
N LYS B 384 -22.60 -41.26 -19.69
CA LYS B 384 -22.89 -42.69 -19.66
C LYS B 384 -24.03 -42.99 -20.63
N GLU B 385 -24.93 -42.03 -20.79
CA GLU B 385 -26.08 -42.15 -21.68
C GLU B 385 -25.60 -41.97 -23.13
N MET B 386 -24.32 -41.63 -23.27
CA MET B 386 -23.72 -41.43 -24.59
C MET B 386 -23.09 -42.73 -25.10
N GLN B 387 -22.86 -43.67 -24.19
CA GLN B 387 -22.28 -44.96 -24.57
C GLN B 387 -23.40 -45.93 -24.94
N ASP B 388 -24.28 -46.21 -23.98
CA ASP B 388 -25.43 -47.10 -24.17
C ASP B 388 -25.45 -47.86 -25.49
CA CA C . -10.64 9.25 51.22
#